data_246D
# 
_entry.id   246D 
# 
_audit_conform.dict_name       mmcif_pdbx.dic 
_audit_conform.dict_version    5.387 
_audit_conform.dict_location   http://mmcif.pdb.org/dictionaries/ascii/mmcif_pdbx.dic 
# 
loop_
_database_2.database_id 
_database_2.database_code 
_database_2.pdbx_database_accession 
_database_2.pdbx_DOI 
PDB   246D         pdb_0000246d 10.2210/pdb246d/pdb 
RCSB  AHH071       ?            ?                   
WWPDB D_1000177643 ?            ?                   
# 
loop_
_pdbx_audit_revision_history.ordinal 
_pdbx_audit_revision_history.data_content_type 
_pdbx_audit_revision_history.major_revision 
_pdbx_audit_revision_history.minor_revision 
_pdbx_audit_revision_history.revision_date 
1 'Structure model' 1 0 1996-08-26 
2 'Structure model' 1 1 2008-05-22 
3 'Structure model' 1 2 2011-07-13 
4 'Structure model' 1 3 2024-02-14 
# 
_pdbx_audit_revision_details.ordinal             1 
_pdbx_audit_revision_details.revision_ordinal    1 
_pdbx_audit_revision_details.data_content_type   'Structure model' 
_pdbx_audit_revision_details.provider            repository 
_pdbx_audit_revision_details.type                'Initial release' 
_pdbx_audit_revision_details.description         ? 
_pdbx_audit_revision_details.details             ? 
# 
loop_
_pdbx_audit_revision_group.ordinal 
_pdbx_audit_revision_group.revision_ordinal 
_pdbx_audit_revision_group.data_content_type 
_pdbx_audit_revision_group.group 
1 2 'Structure model' 'Version format compliance' 
2 3 'Structure model' 'Version format compliance' 
3 4 'Structure model' 'Data collection'           
4 4 'Structure model' 'Database references'       
5 4 'Structure model' 'Derived calculations'      
# 
loop_
_pdbx_audit_revision_category.ordinal 
_pdbx_audit_revision_category.revision_ordinal 
_pdbx_audit_revision_category.data_content_type 
_pdbx_audit_revision_category.category 
1 4 'Structure model' chem_comp_atom         
2 4 'Structure model' chem_comp_bond         
3 4 'Structure model' database_2             
4 4 'Structure model' pdbx_struct_conn_angle 
5 4 'Structure model' struct_conn            
6 4 'Structure model' struct_site            
# 
loop_
_pdbx_audit_revision_item.ordinal 
_pdbx_audit_revision_item.revision_ordinal 
_pdbx_audit_revision_item.data_content_type 
_pdbx_audit_revision_item.item 
1 4 'Structure model' '_database_2.pdbx_DOI'                      
2 4 'Structure model' '_database_2.pdbx_database_accession'       
3 4 'Structure model' '_pdbx_struct_conn_angle.ptnr1_auth_seq_id' 
4 4 'Structure model' '_pdbx_struct_conn_angle.ptnr3_auth_seq_id' 
5 4 'Structure model' '_struct_conn.pdbx_dist_value'              
6 4 'Structure model' '_struct_conn.ptnr2_auth_seq_id'            
7 4 'Structure model' '_struct_site.pdbx_auth_asym_id'            
8 4 'Structure model' '_struct_site.pdbx_auth_comp_id'            
9 4 'Structure model' '_struct_site.pdbx_auth_seq_id'             
# 
_pdbx_database_status.status_code                     REL 
_pdbx_database_status.entry_id                        246D 
_pdbx_database_status.recvd_initial_deposition_date   1996-01-25 
_pdbx_database_status.deposit_site                    NDB 
_pdbx_database_status.process_site                    NDB 
_pdbx_database_status.status_code_sf                  REL 
_pdbx_database_status.status_code_mr                  ? 
_pdbx_database_status.SG_entry                        ? 
_pdbx_database_status.pdb_format_compatible           Y 
_pdbx_database_status.status_code_cs                  ? 
_pdbx_database_status.status_code_nmr_data            ? 
_pdbx_database_status.methods_development_category    ? 
# 
loop_
_audit_author.name 
_audit_author.pdbx_ordinal 
'Wahl, M.C.'        1 
'Ban, C.'           2 
'Sekharudu, C.'     3 
'Ramakrishnan, B.'  4 
'Sundaralingam, M.' 5 
# 
_citation.id                        primary 
_citation.title                     
;Structure of the purine-pyrimidine alternating RNA double helix, r(GUAUAUA)d(C), with a 3'-terminal deoxy residue.
;
_citation.journal_abbrev            'Acta Crystallogr.,Sect.D' 
_citation.journal_volume            52 
_citation.page_first                655 
_citation.page_last                 667 
_citation.year                      1996 
_citation.journal_id_ASTM           ABCRE6 
_citation.country                   DK 
_citation.journal_id_ISSN           0907-4449 
_citation.journal_id_CSD            0766 
_citation.book_publisher            ? 
_citation.pdbx_database_id_PubMed   15299629 
_citation.pdbx_database_id_DOI      10.1107/S0907444996000248 
# 
loop_
_citation_author.citation_id 
_citation_author.name 
_citation_author.ordinal 
_citation_author.identifier_ORCID 
primary 'Wahl, M.C.'        1 ? 
primary 'Ban, C.'           2 ? 
primary 'Sekharudu, C.'     3 ? 
primary 'Ramakrishnan, B.'  4 ? 
primary 'Sundaralingam, M.' 5 ? 
# 
loop_
_entity.id 
_entity.type 
_entity.src_method 
_entity.pdbx_description 
_entity.formula_weight 
_entity.pdbx_number_of_molecules 
_entity.pdbx_ec 
_entity.pdbx_mutation 
_entity.pdbx_fragment 
_entity.details 
1 polymer     syn 
;DNA/RNA (5'-R(*GP*UP*AP*UP*AP*UP*AP*)-D(*C)-3')
;
2495.545 2  ? ? ? ? 
2 non-polymer syn 'SODIUM ION'                                      22.990   2  ? ? ? ? 
3 water       nat water                                             18.015   85 ? ? ? ? 
# 
_entity_poly.entity_id                      1 
_entity_poly.type                           'polydeoxyribonucleotide/polyribonucleotide hybrid' 
_entity_poly.nstd_linkage                   no 
_entity_poly.nstd_monomer                   no 
_entity_poly.pdbx_seq_one_letter_code       'GUAUAUA(DC)' 
_entity_poly.pdbx_seq_one_letter_code_can   GUAUAUAC 
_entity_poly.pdbx_strand_id                 A,B 
_entity_poly.pdbx_target_identifier         ? 
# 
loop_
_pdbx_entity_nonpoly.entity_id 
_pdbx_entity_nonpoly.name 
_pdbx_entity_nonpoly.comp_id 
2 'SODIUM ION' NA  
3 water        HOH 
# 
loop_
_entity_poly_seq.entity_id 
_entity_poly_seq.num 
_entity_poly_seq.mon_id 
_entity_poly_seq.hetero 
1 1 G  n 
1 2 U  n 
1 3 A  n 
1 4 U  n 
1 5 A  n 
1 6 U  n 
1 7 A  n 
1 8 DC n 
# 
loop_
_chem_comp.id 
_chem_comp.type 
_chem_comp.mon_nstd_flag 
_chem_comp.name 
_chem_comp.pdbx_synonyms 
_chem_comp.formula 
_chem_comp.formula_weight 
A   'RNA linking' y "ADENOSINE-5'-MONOPHOSPHATE"        ? 'C10 H14 N5 O7 P' 347.221 
DC  'DNA linking' y "2'-DEOXYCYTIDINE-5'-MONOPHOSPHATE" ? 'C9 H14 N3 O7 P'  307.197 
G   'RNA linking' y "GUANOSINE-5'-MONOPHOSPHATE"        ? 'C10 H14 N5 O8 P' 363.221 
HOH non-polymer   . WATER                               ? 'H2 O'            18.015  
NA  non-polymer   . 'SODIUM ION'                        ? 'Na 1'            22.990  
U   'RNA linking' y "URIDINE-5'-MONOPHOSPHATE"          ? 'C9 H13 N2 O9 P'  324.181 
# 
loop_
_pdbx_poly_seq_scheme.asym_id 
_pdbx_poly_seq_scheme.entity_id 
_pdbx_poly_seq_scheme.seq_id 
_pdbx_poly_seq_scheme.mon_id 
_pdbx_poly_seq_scheme.ndb_seq_num 
_pdbx_poly_seq_scheme.pdb_seq_num 
_pdbx_poly_seq_scheme.auth_seq_num 
_pdbx_poly_seq_scheme.pdb_mon_id 
_pdbx_poly_seq_scheme.auth_mon_id 
_pdbx_poly_seq_scheme.pdb_strand_id 
_pdbx_poly_seq_scheme.pdb_ins_code 
_pdbx_poly_seq_scheme.hetero 
A 1 1 G  1 1  1  G  G A . n 
A 1 2 U  2 2  2  U  U A . n 
A 1 3 A  3 3  3  A  A A . n 
A 1 4 U  4 4  4  U  U A . n 
A 1 5 A  5 5  5  A  A A . n 
A 1 6 U  6 6  6  U  U A . n 
A 1 7 A  7 7  7  A  A A . n 
A 1 8 DC 8 8  8  DC C A . n 
B 1 1 G  1 9  9  G  G B . n 
B 1 2 U  2 10 10 U  U B . n 
B 1 3 A  3 11 11 A  A B . n 
B 1 4 U  4 12 12 U  U B . n 
B 1 5 A  5 13 13 A  A B . n 
B 1 6 U  6 14 14 U  U B . n 
B 1 7 A  7 15 15 A  A B . n 
B 1 8 DC 8 16 16 DC C B . n 
# 
loop_
_pdbx_nonpoly_scheme.asym_id 
_pdbx_nonpoly_scheme.entity_id 
_pdbx_nonpoly_scheme.mon_id 
_pdbx_nonpoly_scheme.ndb_seq_num 
_pdbx_nonpoly_scheme.pdb_seq_num 
_pdbx_nonpoly_scheme.auth_seq_num 
_pdbx_nonpoly_scheme.pdb_mon_id 
_pdbx_nonpoly_scheme.auth_mon_id 
_pdbx_nonpoly_scheme.pdb_strand_id 
_pdbx_nonpoly_scheme.pdb_ins_code 
C 2 NA  1  17  17  NA  NA  B . 
D 2 NA  1  18  18  NA  NA  B . 
E 3 HOH 1  20  20  HOH HOH A . 
E 3 HOH 2  21  21  HOH HOH A . 
E 3 HOH 3  22  22  HOH HOH A . 
E 3 HOH 4  25  25  HOH HOH A . 
E 3 HOH 5  31  31  HOH HOH A . 
E 3 HOH 6  32  32  HOH HOH A . 
E 3 HOH 7  37  37  HOH HOH A . 
E 3 HOH 8  46  46  HOH HOH A . 
E 3 HOH 9  50  50  HOH HOH A . 
E 3 HOH 10 51  51  HOH HOH A . 
E 3 HOH 11 53  53  HOH HOH A . 
E 3 HOH 12 60  60  HOH HOH A . 
E 3 HOH 13 61  61  HOH HOH A . 
E 3 HOH 14 63  63  HOH HOH A . 
E 3 HOH 15 66  66  HOH HOH A . 
E 3 HOH 16 68  68  HOH HOH A . 
E 3 HOH 17 74  74  HOH HOH A . 
E 3 HOH 18 76  76  HOH HOH A . 
E 3 HOH 19 79  79  HOH HOH A . 
E 3 HOH 20 81  81  HOH HOH A . 
E 3 HOH 21 82  82  HOH HOH A . 
E 3 HOH 22 84  84  HOH HOH A . 
E 3 HOH 23 86  86  HOH HOH A . 
E 3 HOH 24 88  88  HOH HOH A . 
E 3 HOH 25 89  89  HOH HOH A . 
E 3 HOH 26 90  90  HOH HOH A . 
E 3 HOH 27 91  91  HOH HOH A . 
E 3 HOH 28 97  97  HOH HOH A . 
E 3 HOH 29 98  98  HOH HOH A . 
E 3 HOH 30 99  99  HOH HOH A . 
E 3 HOH 31 100 100 HOH HOH A . 
E 3 HOH 32 103 103 HOH HOH A . 
F 3 HOH 1  19  19  HOH HOH B . 
F 3 HOH 2  23  23  HOH HOH B . 
F 3 HOH 3  24  24  HOH HOH B . 
F 3 HOH 4  26  26  HOH HOH B . 
F 3 HOH 5  27  27  HOH HOH B . 
F 3 HOH 6  28  28  HOH HOH B . 
F 3 HOH 7  29  29  HOH HOH B . 
F 3 HOH 8  30  30  HOH HOH B . 
F 3 HOH 9  33  33  HOH HOH B . 
F 3 HOH 10 34  34  HOH HOH B . 
F 3 HOH 11 35  35  HOH HOH B . 
F 3 HOH 12 36  36  HOH HOH B . 
F 3 HOH 13 38  38  HOH HOH B . 
F 3 HOH 14 39  39  HOH HOH B . 
F 3 HOH 15 40  40  HOH HOH B . 
F 3 HOH 16 41  41  HOH HOH B . 
F 3 HOH 17 42  42  HOH HOH B . 
F 3 HOH 18 43  43  HOH HOH B . 
F 3 HOH 19 44  44  HOH HOH B . 
F 3 HOH 20 45  45  HOH HOH B . 
F 3 HOH 21 47  47  HOH HOH B . 
F 3 HOH 22 48  48  HOH HOH B . 
F 3 HOH 23 49  49  HOH HOH B . 
F 3 HOH 24 52  52  HOH HOH B . 
F 3 HOH 25 54  54  HOH HOH B . 
F 3 HOH 26 55  55  HOH HOH B . 
F 3 HOH 27 56  56  HOH HOH B . 
F 3 HOH 28 57  57  HOH HOH B . 
F 3 HOH 29 58  58  HOH HOH B . 
F 3 HOH 30 59  59  HOH HOH B . 
F 3 HOH 31 62  62  HOH HOH B . 
F 3 HOH 32 64  64  HOH HOH B . 
F 3 HOH 33 65  65  HOH HOH B . 
F 3 HOH 34 67  67  HOH HOH B . 
F 3 HOH 35 69  69  HOH HOH B . 
F 3 HOH 36 70  70  HOH HOH B . 
F 3 HOH 37 71  71  HOH HOH B . 
F 3 HOH 38 72  72  HOH HOH B . 
F 3 HOH 39 73  73  HOH HOH B . 
F 3 HOH 40 75  75  HOH HOH B . 
F 3 HOH 41 77  77  HOH HOH B . 
F 3 HOH 42 78  78  HOH HOH B . 
F 3 HOH 43 80  80  HOH HOH B . 
F 3 HOH 44 83  83  HOH HOH B . 
F 3 HOH 45 85  85  HOH HOH B . 
F 3 HOH 46 87  87  HOH HOH B . 
F 3 HOH 47 92  92  HOH HOH B . 
F 3 HOH 48 93  93  HOH HOH B . 
F 3 HOH 49 94  94  HOH HOH B . 
F 3 HOH 50 95  95  HOH HOH B . 
F 3 HOH 51 96  96  HOH HOH B . 
F 3 HOH 52 101 101 HOH HOH B . 
F 3 HOH 53 102 102 HOH HOH B . 
# 
loop_
_software.name 
_software.classification 
_software.version 
_software.citation_id 
_software.pdbx_ordinal 
X-PLOR refinement       3.0      ? 1 
XENGEN 'data reduction' 'V. 2.0' ? 2 
# 
_cell.entry_id           246D 
_cell.length_a           43.100 
_cell.length_b           43.100 
_cell.length_c           59.400 
_cell.angle_alpha        90.00 
_cell.angle_beta         90.00 
_cell.angle_gamma        120.00 
_cell.Z_PDB              18 
_cell.pdbx_unique_axis   ? 
# 
_symmetry.entry_id                         246D 
_symmetry.space_group_name_H-M             'H 3' 
_symmetry.pdbx_full_space_group_name_H-M   ? 
_symmetry.cell_setting                     ? 
_symmetry.Int_Tables_number                146 
# 
_exptl.entry_id          246D 
_exptl.method            'X-RAY DIFFRACTION' 
_exptl.crystals_number   ? 
# 
_exptl_crystal.id                    1 
_exptl_crystal.density_meas          ? 
_exptl_crystal.density_Matthews      2.13 
_exptl_crystal.density_percent_sol   42.18 
_exptl_crystal.description           ? 
# 
_exptl_crystal_grow.crystal_id      1 
_exptl_crystal_grow.method          'VAPOR DIFFUSION, HANGING DROP' 
_exptl_crystal_grow.temp            291.00 
_exptl_crystal_grow.temp_details    ? 
_exptl_crystal_grow.pH              7.00 
_exptl_crystal_grow.pdbx_details    'pH 7.00, VAPOR DIFFUSION, HANGING DROP, temperature 291.00K' 
_exptl_crystal_grow.pdbx_pH_range   ? 
# 
loop_
_exptl_crystal_grow_comp.crystal_id 
_exptl_crystal_grow_comp.id 
_exptl_crystal_grow_comp.sol_id 
_exptl_crystal_grow_comp.name 
_exptl_crystal_grow_comp.volume 
_exptl_crystal_grow_comp.conc 
_exptl_crystal_grow_comp.details 
1 1 1 WATER           ? ? ? 
1 2 1 MPD             ? ? ? 
1 3 1 'NA CACODYLATE' ? ? ? 
1 4 1 '[CO(NH3)6]3+'  ? ? ? 
1 5 2 WATER           ? ? ? 
1 6 2 MPD             ? ? ? 
# 
_diffrn.id                     1 
_diffrn.ambient_temp           295.00 
_diffrn.ambient_temp_details   ? 
_diffrn.crystal_id             1 
# 
_diffrn_detector.diffrn_id              1 
_diffrn_detector.detector               'AREA DETECTOR' 
_diffrn_detector.type                   SIEMENS 
_diffrn_detector.pdbx_collection_date   1994-07-17 
_diffrn_detector.details                ? 
# 
_diffrn_radiation.diffrn_id                        1 
_diffrn_radiation.wavelength_id                    1 
_diffrn_radiation.pdbx_monochromatic_or_laue_m_l   M 
_diffrn_radiation.monochromator                    ? 
_diffrn_radiation.pdbx_diffrn_protocol             ? 
_diffrn_radiation.pdbx_scattering_type             x-ray 
# 
_diffrn_radiation_wavelength.id           1 
_diffrn_radiation_wavelength.wavelength   . 
_diffrn_radiation_wavelength.wt           1.0 
# 
_diffrn_source.diffrn_id                   1 
_diffrn_source.source                      'ROTATING ANODE' 
_diffrn_source.type                        MACSCIENCE 
_diffrn_source.pdbx_synchrotron_site       ? 
_diffrn_source.pdbx_synchrotron_beamline   ? 
_diffrn_source.pdbx_wavelength             ? 
_diffrn_source.pdbx_wavelength_list        ? 
# 
_reflns.entry_id                     246D 
_reflns.observed_criterion_sigma_I   2.000 
_reflns.observed_criterion_sigma_F   ? 
_reflns.d_resolution_low             10.000 
_reflns.d_resolution_high            2.200 
_reflns.number_obs                   1775 
_reflns.number_all                   ? 
_reflns.percent_possible_obs         ? 
_reflns.pdbx_Rmerge_I_obs            0.0171000 
_reflns.pdbx_Rsym_value              ? 
_reflns.pdbx_netI_over_sigmaI        ? 
_reflns.B_iso_Wilson_estimate        ? 
_reflns.pdbx_redundancy              ? 
_reflns.pdbx_diffrn_id               1 
_reflns.pdbx_ordinal                 1 
# 
_refine.entry_id                                 246D 
_refine.ls_number_reflns_obs                     1775 
_refine.ls_number_reflns_all                     ? 
_refine.pdbx_ls_sigma_I                          ? 
_refine.pdbx_ls_sigma_F                          2.000 
_refine.pdbx_data_cutoff_high_absF               ? 
_refine.pdbx_data_cutoff_low_absF                ? 
_refine.pdbx_data_cutoff_high_rms_absF           ? 
_refine.ls_d_res_low                             10.000 
_refine.ls_d_res_high                            2.200 
_refine.ls_percent_reflns_obs                    86.000 
_refine.ls_R_factor_obs                          0.1560000 
_refine.ls_R_factor_all                          ? 
_refine.ls_R_factor_R_work                       0.1560000 
_refine.ls_R_factor_R_free                       ? 
_refine.ls_R_factor_R_free_error                 ? 
_refine.ls_R_factor_R_free_error_details         ? 
_refine.ls_percent_reflns_R_free                 ? 
_refine.ls_number_reflns_R_free                  ? 
_refine.ls_number_parameters                     ? 
_refine.ls_number_restraints                     ? 
_refine.occupancy_min                            ? 
_refine.occupancy_max                            ? 
_refine.B_iso_mean                               ? 
_refine.aniso_B[1][1]                            ? 
_refine.aniso_B[2][2]                            ? 
_refine.aniso_B[3][3]                            ? 
_refine.aniso_B[1][2]                            ? 
_refine.aniso_B[1][3]                            ? 
_refine.aniso_B[2][3]                            ? 
_refine.solvent_model_details                    ? 
_refine.solvent_model_param_ksol                 ? 
_refine.solvent_model_param_bsol                 ? 
_refine.pdbx_ls_cross_valid_method               ? 
_refine.details                                  ? 
_refine.pdbx_starting_model                      ? 
_refine.pdbx_method_to_determine_struct          ? 
_refine.pdbx_isotropic_thermal_model             ? 
_refine.pdbx_stereochemistry_target_values       ? 
_refine.pdbx_stereochem_target_val_spec_case     ? 
_refine.pdbx_R_Free_selection_details            ? 
_refine.pdbx_overall_ESU_R                       ? 
_refine.pdbx_overall_ESU_R_Free                  ? 
_refine.overall_SU_ML                            ? 
_refine.overall_SU_B                             ? 
_refine.pdbx_refine_id                           'X-RAY DIFFRACTION' 
_refine.pdbx_diffrn_id                           1 
_refine.pdbx_TLS_residual_ADP_flag               ? 
_refine.correlation_coeff_Fo_to_Fc               ? 
_refine.correlation_coeff_Fo_to_Fc_free          ? 
_refine.pdbx_solvent_vdw_probe_radii             ? 
_refine.pdbx_solvent_ion_probe_radii             ? 
_refine.pdbx_solvent_shrinkage_radii             ? 
_refine.pdbx_overall_phase_error                 ? 
_refine.overall_SU_R_Cruickshank_DPI             ? 
_refine.pdbx_overall_SU_R_free_Cruickshank_DPI   ? 
_refine.pdbx_overall_SU_R_Blow_DPI               ? 
_refine.pdbx_overall_SU_R_free_Blow_DPI          ? 
# 
_refine_hist.pdbx_refine_id                   'X-RAY DIFFRACTION' 
_refine_hist.cycle_id                         LAST 
_refine_hist.pdbx_number_atoms_protein        0 
_refine_hist.pdbx_number_atoms_nucleic_acid   330 
_refine_hist.pdbx_number_atoms_ligand         2 
_refine_hist.number_atoms_solvent             85 
_refine_hist.number_atoms_total               417 
_refine_hist.d_res_high                       2.200 
_refine_hist.d_res_low                        10.000 
# 
loop_
_refine_ls_restr.type 
_refine_ls_restr.dev_ideal 
_refine_ls_restr.dev_ideal_target 
_refine_ls_restr.weight 
_refine_ls_restr.number 
_refine_ls_restr.pdbx_refine_id 
_refine_ls_restr.pdbx_restraint_function 
x_bond_d                0.017 ? ? ? 'X-RAY DIFFRACTION' ? 
x_bond_d_na             ?     ? ? ? 'X-RAY DIFFRACTION' ? 
x_bond_d_prot           ?     ? ? ? 'X-RAY DIFFRACTION' ? 
x_angle_d               ?     ? ? ? 'X-RAY DIFFRACTION' ? 
x_angle_d_na            ?     ? ? ? 'X-RAY DIFFRACTION' ? 
x_angle_d_prot          ?     ? ? ? 'X-RAY DIFFRACTION' ? 
x_angle_deg             2.55  ? ? ? 'X-RAY DIFFRACTION' ? 
x_angle_deg_na          ?     ? ? ? 'X-RAY DIFFRACTION' ? 
x_angle_deg_prot        ?     ? ? ? 'X-RAY DIFFRACTION' ? 
x_dihedral_angle_d      ?     ? ? ? 'X-RAY DIFFRACTION' ? 
x_dihedral_angle_d_na   ?     ? ? ? 'X-RAY DIFFRACTION' ? 
x_dihedral_angle_d_prot ?     ? ? ? 'X-RAY DIFFRACTION' ? 
x_improper_angle_d      ?     ? ? ? 'X-RAY DIFFRACTION' ? 
x_improper_angle_d_na   ?     ? ? ? 'X-RAY DIFFRACTION' ? 
x_improper_angle_d_prot ?     ? ? ? 'X-RAY DIFFRACTION' ? 
x_mcbond_it             ?     ? ? ? 'X-RAY DIFFRACTION' ? 
x_mcangle_it            ?     ? ? ? 'X-RAY DIFFRACTION' ? 
x_scbond_it             ?     ? ? ? 'X-RAY DIFFRACTION' ? 
x_scangle_it            ?     ? ? ? 'X-RAY DIFFRACTION' ? 
# 
_struct.entry_id                  246D 
_struct.title                     
;STRUCTURE OF THE PURINE-PYRIMIDINE ALTERNATING RNA DOUBLE HELIX, R(GUAUAUA)D(C) , WITH A 3'-TERMINAL DEOXY RESIDUE
;
_struct.pdbx_model_details        ? 
_struct.pdbx_CASP_flag            ? 
_struct.pdbx_model_type_details   ? 
# 
_struct_keywords.entry_id        246D 
_struct_keywords.pdbx_keywords   DNA/RNA 
_struct_keywords.text            'A-DNA/RNA, DOUBLE HELIX, DNA-RNA complex' 
# 
loop_
_struct_asym.id 
_struct_asym.pdbx_blank_PDB_chainid_flag 
_struct_asym.pdbx_modified 
_struct_asym.entity_id 
_struct_asym.details 
A N N 1 ? 
B N N 1 ? 
C N N 2 ? 
D N N 2 ? 
E N N 3 ? 
F N N 3 ? 
# 
_struct_ref.id                         1 
_struct_ref.entity_id                  1 
_struct_ref.db_name                    PDB 
_struct_ref.db_code                    246D 
_struct_ref.pdbx_db_accession          246D 
_struct_ref.pdbx_db_isoform            ? 
_struct_ref.pdbx_seq_one_letter_code   ? 
_struct_ref.pdbx_align_begin           ? 
# 
loop_
_struct_ref_seq.align_id 
_struct_ref_seq.ref_id 
_struct_ref_seq.pdbx_PDB_id_code 
_struct_ref_seq.pdbx_strand_id 
_struct_ref_seq.seq_align_beg 
_struct_ref_seq.pdbx_seq_align_beg_ins_code 
_struct_ref_seq.seq_align_end 
_struct_ref_seq.pdbx_seq_align_end_ins_code 
_struct_ref_seq.pdbx_db_accession 
_struct_ref_seq.db_align_beg 
_struct_ref_seq.pdbx_db_align_beg_ins_code 
_struct_ref_seq.db_align_end 
_struct_ref_seq.pdbx_db_align_end_ins_code 
_struct_ref_seq.pdbx_auth_seq_align_beg 
_struct_ref_seq.pdbx_auth_seq_align_end 
1 1 246D A 1 ? 8 ? 246D 1 ? 8  ? 1 8  
2 1 246D B 1 ? 8 ? 246D 9 ? 16 ? 9 16 
# 
_pdbx_struct_assembly.id                   1 
_pdbx_struct_assembly.details              author_defined_assembly 
_pdbx_struct_assembly.method_details       ? 
_pdbx_struct_assembly.oligomeric_details   dimeric 
_pdbx_struct_assembly.oligomeric_count     2 
# 
_pdbx_struct_assembly_gen.assembly_id       1 
_pdbx_struct_assembly_gen.oper_expression   1 
_pdbx_struct_assembly_gen.asym_id_list      A,B,C,D,E,F 
# 
_pdbx_struct_oper_list.id                   1 
_pdbx_struct_oper_list.type                 'identity operation' 
_pdbx_struct_oper_list.name                 1_555 
_pdbx_struct_oper_list.symmetry_operation   x,y,z 
_pdbx_struct_oper_list.matrix[1][1]         1.0000000000 
_pdbx_struct_oper_list.matrix[1][2]         0.0000000000 
_pdbx_struct_oper_list.matrix[1][3]         0.0000000000 
_pdbx_struct_oper_list.vector[1]            0.0000000000 
_pdbx_struct_oper_list.matrix[2][1]         0.0000000000 
_pdbx_struct_oper_list.matrix[2][2]         1.0000000000 
_pdbx_struct_oper_list.matrix[2][3]         0.0000000000 
_pdbx_struct_oper_list.vector[2]            0.0000000000 
_pdbx_struct_oper_list.matrix[3][1]         0.0000000000 
_pdbx_struct_oper_list.matrix[3][2]         0.0000000000 
_pdbx_struct_oper_list.matrix[3][3]         1.0000000000 
_pdbx_struct_oper_list.vector[3]            0.0000000000 
# 
_struct_biol.id   1 
# 
loop_
_struct_conn.id 
_struct_conn.conn_type_id 
_struct_conn.pdbx_leaving_atom_flag 
_struct_conn.pdbx_PDB_id 
_struct_conn.ptnr1_label_asym_id 
_struct_conn.ptnr1_label_comp_id 
_struct_conn.ptnr1_label_seq_id 
_struct_conn.ptnr1_label_atom_id 
_struct_conn.pdbx_ptnr1_label_alt_id 
_struct_conn.pdbx_ptnr1_PDB_ins_code 
_struct_conn.pdbx_ptnr1_standard_comp_id 
_struct_conn.ptnr1_symmetry 
_struct_conn.ptnr2_label_asym_id 
_struct_conn.ptnr2_label_comp_id 
_struct_conn.ptnr2_label_seq_id 
_struct_conn.ptnr2_label_atom_id 
_struct_conn.pdbx_ptnr2_label_alt_id 
_struct_conn.pdbx_ptnr2_PDB_ins_code 
_struct_conn.ptnr1_auth_asym_id 
_struct_conn.ptnr1_auth_comp_id 
_struct_conn.ptnr1_auth_seq_id 
_struct_conn.ptnr2_auth_asym_id 
_struct_conn.ptnr2_auth_comp_id 
_struct_conn.ptnr2_auth_seq_id 
_struct_conn.ptnr2_symmetry 
_struct_conn.pdbx_ptnr3_label_atom_id 
_struct_conn.pdbx_ptnr3_label_seq_id 
_struct_conn.pdbx_ptnr3_label_comp_id 
_struct_conn.pdbx_ptnr3_label_asym_id 
_struct_conn.pdbx_ptnr3_label_alt_id 
_struct_conn.pdbx_ptnr3_PDB_ins_code 
_struct_conn.details 
_struct_conn.pdbx_dist_value 
_struct_conn.pdbx_value_order 
_struct_conn.pdbx_role 
metalc1  metalc ? ? B A  3 "O2'" ? ? ? 1_555 C NA  . NA ? ? B A  11 B NA  17  1_555 ? ? ? ? ? ? ?            2.437 ? ? 
metalc2  metalc ? ? C NA . NA    ? ? ? 1_555 F HOH . O  ? ? B NA 17 B HOH 102 1_555 ? ? ? ? ? ? ?            2.475 ? ? 
metalc3  metalc ? ? D NA . NA    ? ? ? 1_555 F HOH . O  ? ? B NA 18 B HOH 23  1_555 ? ? ? ? ? ? ?            2.417 ? ? 
metalc4  metalc ? ? D NA . NA    ? ? ? 1_555 F HOH . O  ? ? B NA 18 B HOH 77  1_555 ? ? ? ? ? ? ?            2.318 ? ? 
hydrog1  hydrog ? ? A G  1 N1    ? ? ? 1_555 B DC  8 N3 ? ? A G  1  B DC  16  1_555 ? ? ? ? ? ? WATSON-CRICK ?     ? ? 
hydrog2  hydrog ? ? A G  1 N2    ? ? ? 1_555 B DC  8 O2 ? ? A G  1  B DC  16  1_555 ? ? ? ? ? ? WATSON-CRICK ?     ? ? 
hydrog3  hydrog ? ? A G  1 O6    ? ? ? 1_555 B DC  8 N4 ? ? A G  1  B DC  16  1_555 ? ? ? ? ? ? WATSON-CRICK ?     ? ? 
hydrog4  hydrog ? ? A U  2 N3    ? ? ? 1_555 B A   7 N1 ? ? A U  2  B A   15  1_555 ? ? ? ? ? ? WATSON-CRICK ?     ? ? 
hydrog5  hydrog ? ? A U  2 O4    ? ? ? 1_555 B A   7 N6 ? ? A U  2  B A   15  1_555 ? ? ? ? ? ? WATSON-CRICK ?     ? ? 
hydrog6  hydrog ? ? A A  3 N1    ? ? ? 1_555 B U   6 N3 ? ? A A  3  B U   14  1_555 ? ? ? ? ? ? WATSON-CRICK ?     ? ? 
hydrog7  hydrog ? ? A A  3 N6    ? ? ? 1_555 B U   6 O4 ? ? A A  3  B U   14  1_555 ? ? ? ? ? ? WATSON-CRICK ?     ? ? 
hydrog8  hydrog ? ? A U  4 N3    ? ? ? 1_555 B A   5 N1 ? ? A U  4  B A   13  1_555 ? ? ? ? ? ? WATSON-CRICK ?     ? ? 
hydrog9  hydrog ? ? A U  4 O4    ? ? ? 1_555 B A   5 N6 ? ? A U  4  B A   13  1_555 ? ? ? ? ? ? WATSON-CRICK ?     ? ? 
hydrog10 hydrog ? ? A A  5 N1    ? ? ? 1_555 B U   4 N3 ? ? A A  5  B U   12  1_555 ? ? ? ? ? ? 'A-U PAIR'   ?     ? ? 
hydrog11 hydrog ? ? A U  6 N3    ? ? ? 1_555 B A   3 N1 ? ? A U  6  B A   11  1_555 ? ? ? ? ? ? WATSON-CRICK ?     ? ? 
hydrog12 hydrog ? ? A U  6 O4    ? ? ? 1_555 B A   3 N6 ? ? A U  6  B A   11  1_555 ? ? ? ? ? ? WATSON-CRICK ?     ? ? 
hydrog13 hydrog ? ? A A  7 N1    ? ? ? 1_555 B U   2 N3 ? ? A A  7  B U   10  1_555 ? ? ? ? ? ? WATSON-CRICK ?     ? ? 
hydrog14 hydrog ? ? A A  7 N6    ? ? ? 1_555 B U   2 O4 ? ? A A  7  B U   10  1_555 ? ? ? ? ? ? WATSON-CRICK ?     ? ? 
hydrog15 hydrog ? ? A DC 8 N3    ? ? ? 1_555 B G   1 N1 ? ? A DC 8  B G   9   1_555 ? ? ? ? ? ? WATSON-CRICK ?     ? ? 
hydrog16 hydrog ? ? A DC 8 N4    ? ? ? 1_555 B G   1 O6 ? ? A DC 8  B G   9   1_555 ? ? ? ? ? ? WATSON-CRICK ?     ? ? 
hydrog17 hydrog ? ? A DC 8 O2    ? ? ? 1_555 B G   1 N2 ? ? A DC 8  B G   9   1_555 ? ? ? ? ? ? WATSON-CRICK ?     ? ? 
# 
loop_
_struct_conn_type.id 
_struct_conn_type.criteria 
_struct_conn_type.reference 
metalc ? ? 
hydrog ? ? 
# 
loop_
_pdbx_struct_conn_angle.id 
_pdbx_struct_conn_angle.ptnr1_label_atom_id 
_pdbx_struct_conn_angle.ptnr1_label_alt_id 
_pdbx_struct_conn_angle.ptnr1_label_asym_id 
_pdbx_struct_conn_angle.ptnr1_label_comp_id 
_pdbx_struct_conn_angle.ptnr1_label_seq_id 
_pdbx_struct_conn_angle.ptnr1_auth_atom_id 
_pdbx_struct_conn_angle.ptnr1_auth_asym_id 
_pdbx_struct_conn_angle.ptnr1_auth_comp_id 
_pdbx_struct_conn_angle.ptnr1_auth_seq_id 
_pdbx_struct_conn_angle.ptnr1_PDB_ins_code 
_pdbx_struct_conn_angle.ptnr1_symmetry 
_pdbx_struct_conn_angle.ptnr2_label_atom_id 
_pdbx_struct_conn_angle.ptnr2_label_alt_id 
_pdbx_struct_conn_angle.ptnr2_label_asym_id 
_pdbx_struct_conn_angle.ptnr2_label_comp_id 
_pdbx_struct_conn_angle.ptnr2_label_seq_id 
_pdbx_struct_conn_angle.ptnr2_auth_atom_id 
_pdbx_struct_conn_angle.ptnr2_auth_asym_id 
_pdbx_struct_conn_angle.ptnr2_auth_comp_id 
_pdbx_struct_conn_angle.ptnr2_auth_seq_id 
_pdbx_struct_conn_angle.ptnr2_PDB_ins_code 
_pdbx_struct_conn_angle.ptnr2_symmetry 
_pdbx_struct_conn_angle.ptnr3_label_atom_id 
_pdbx_struct_conn_angle.ptnr3_label_alt_id 
_pdbx_struct_conn_angle.ptnr3_label_asym_id 
_pdbx_struct_conn_angle.ptnr3_label_comp_id 
_pdbx_struct_conn_angle.ptnr3_label_seq_id 
_pdbx_struct_conn_angle.ptnr3_auth_atom_id 
_pdbx_struct_conn_angle.ptnr3_auth_asym_id 
_pdbx_struct_conn_angle.ptnr3_auth_comp_id 
_pdbx_struct_conn_angle.ptnr3_auth_seq_id 
_pdbx_struct_conn_angle.ptnr3_PDB_ins_code 
_pdbx_struct_conn_angle.ptnr3_symmetry 
_pdbx_struct_conn_angle.value 
_pdbx_struct_conn_angle.value_esd 
1 "O2'" ? B A   3 ? B A   11 ? 1_555 NA ? C NA . ? B NA 17 ? 1_555 O ? F HOH . ? B HOH 102 ? 1_555 114.1 ? 
2 O     ? F HOH . ? B HOH 23 ? 1_555 NA ? D NA . ? B NA 18 ? 1_555 O ? F HOH . ? B HOH 77  ? 1_555 83.0  ? 
# 
loop_
_struct_site.id 
_struct_site.pdbx_evidence_code 
_struct_site.pdbx_auth_asym_id 
_struct_site.pdbx_auth_comp_id 
_struct_site.pdbx_auth_seq_id 
_struct_site.pdbx_auth_ins_code 
_struct_site.pdbx_num_residues 
_struct_site.details 
AC1 Software B NA 17 ? 6 'BINDING SITE FOR RESIDUE NA B 17' 
AC2 Software B NA 18 ? 6 'BINDING SITE FOR RESIDUE NA B 18' 
# 
loop_
_struct_site_gen.id 
_struct_site_gen.site_id 
_struct_site_gen.pdbx_num_res 
_struct_site_gen.label_comp_id 
_struct_site_gen.label_asym_id 
_struct_site_gen.label_seq_id 
_struct_site_gen.pdbx_auth_ins_code 
_struct_site_gen.auth_comp_id 
_struct_site_gen.auth_asym_id 
_struct_site_gen.auth_seq_id 
_struct_site_gen.label_atom_id 
_struct_site_gen.label_alt_id 
_struct_site_gen.symmetry 
_struct_site_gen.details 
1  AC1 6 A   B 3 ? A   B 11  . ? 2_645 ? 
2  AC1 6 A   B 3 ? A   B 11  . ? 1_555 ? 
3  AC1 6 A   B 3 ? A   B 11  . ? 3_765 ? 
4  AC1 6 HOH F . ? HOH B 102 . ? 3_765 ? 
5  AC1 6 HOH F . ? HOH B 102 . ? 2_645 ? 
6  AC1 6 HOH F . ? HOH B 102 . ? 1_555 ? 
7  AC2 6 HOH F . ? HOH B 23  . ? 2_645 ? 
8  AC2 6 HOH F . ? HOH B 23  . ? 1_555 ? 
9  AC2 6 HOH F . ? HOH B 23  . ? 3_765 ? 
10 AC2 6 HOH F . ? HOH B 77  . ? 3_765 ? 
11 AC2 6 HOH F . ? HOH B 77  . ? 2_645 ? 
12 AC2 6 HOH F . ? HOH B 77  . ? 1_555 ? 
# 
loop_
_pdbx_validate_rmsd_angle.id 
_pdbx_validate_rmsd_angle.PDB_model_num 
_pdbx_validate_rmsd_angle.auth_atom_id_1 
_pdbx_validate_rmsd_angle.auth_asym_id_1 
_pdbx_validate_rmsd_angle.auth_comp_id_1 
_pdbx_validate_rmsd_angle.auth_seq_id_1 
_pdbx_validate_rmsd_angle.PDB_ins_code_1 
_pdbx_validate_rmsd_angle.label_alt_id_1 
_pdbx_validate_rmsd_angle.auth_atom_id_2 
_pdbx_validate_rmsd_angle.auth_asym_id_2 
_pdbx_validate_rmsd_angle.auth_comp_id_2 
_pdbx_validate_rmsd_angle.auth_seq_id_2 
_pdbx_validate_rmsd_angle.PDB_ins_code_2 
_pdbx_validate_rmsd_angle.label_alt_id_2 
_pdbx_validate_rmsd_angle.auth_atom_id_3 
_pdbx_validate_rmsd_angle.auth_asym_id_3 
_pdbx_validate_rmsd_angle.auth_comp_id_3 
_pdbx_validate_rmsd_angle.auth_seq_id_3 
_pdbx_validate_rmsd_angle.PDB_ins_code_3 
_pdbx_validate_rmsd_angle.label_alt_id_3 
_pdbx_validate_rmsd_angle.angle_value 
_pdbx_validate_rmsd_angle.angle_target_value 
_pdbx_validate_rmsd_angle.angle_deviation 
_pdbx_validate_rmsd_angle.angle_standard_deviation 
_pdbx_validate_rmsd_angle.linker_flag 
1  1 "O4'" A U  4  ? ? "C1'" A U  4  ? ? N1    A U  4  ? ? 112.97 108.50 4.47   0.70 N 
2  1 P     A U  6  ? ? "O5'" A U  6  ? ? "C5'" A U  6  ? ? 110.20 120.90 -10.70 1.60 N 
3  1 "O3'" A U  6  ? ? P     A A  7  ? ? "O5'" A A  7  ? ? 91.47  104.00 -12.53 1.90 Y 
4  1 "C5'" A A  7  ? ? "C4'" A A  7  ? ? "C3'" A A  7  ? ? 96.14  115.20 -19.06 1.40 N 
5  1 "O4'" A DC 8  ? ? "C1'" A DC 8  ? ? N1    A DC 8  ? ? 110.82 108.30 2.52   0.30 N 
6  1 "O4'" B A  11 ? ? "C1'" B A  11 ? ? N9    B A  11 ? ? 113.14 108.50 4.64   0.70 N 
7  1 "C5'" B A  15 ? ? "C4'" B A  15 ? ? "O4'" B A  15 ? ? 116.91 109.80 7.11   0.90 N 
8  1 "O4'" B A  15 ? ? "C1'" B A  15 ? ? N9    B A  15 ? ? 113.66 108.50 5.16   0.70 N 
9  1 "C3'" B A  15 ? ? "O3'" B A  15 ? ? P     B DC 16 ? ? 127.05 119.70 7.35   1.20 Y 
10 1 "O4'" B DC 16 ? ? "C1'" B DC 16 ? ? N1    B DC 16 ? ? 113.93 108.30 5.63   0.30 N 
11 1 N1    B DC 16 ? ? C2    B DC 16 ? ? O2    B DC 16 ? ? 123.26 118.90 4.36   0.60 N 
# 
_pdbx_validate_planes.id              1 
_pdbx_validate_planes.PDB_model_num   1 
_pdbx_validate_planes.auth_comp_id    A 
_pdbx_validate_planes.auth_asym_id    A 
_pdbx_validate_planes.auth_seq_id     3 
_pdbx_validate_planes.PDB_ins_code    ? 
_pdbx_validate_planes.label_alt_id    ? 
_pdbx_validate_planes.rmsd            0.064 
_pdbx_validate_planes.type            'SIDE CHAIN' 
# 
loop_
_pdbx_struct_special_symmetry.id 
_pdbx_struct_special_symmetry.PDB_model_num 
_pdbx_struct_special_symmetry.auth_asym_id 
_pdbx_struct_special_symmetry.auth_comp_id 
_pdbx_struct_special_symmetry.auth_seq_id 
_pdbx_struct_special_symmetry.PDB_ins_code 
_pdbx_struct_special_symmetry.label_asym_id 
_pdbx_struct_special_symmetry.label_comp_id 
_pdbx_struct_special_symmetry.label_seq_id 
1 1 B NA  17  ? C NA  . 
2 1 B NA  18  ? D NA  . 
3 1 A HOH 103 ? E HOH . 
4 1 B HOH 102 ? F HOH . 
# 
loop_
_refine_B_iso.class 
_refine_B_iso.details 
_refine_B_iso.treatment 
_refine_B_iso.pdbx_refine_id 
'ALL ATOMS'  TR isotropic 'X-RAY DIFFRACTION' 
'ALL WATERS' TR isotropic 'X-RAY DIFFRACTION' 
# 
loop_
_refine_occupancy.class 
_refine_occupancy.treatment 
_refine_occupancy.pdbx_refine_id 
'ALL ATOMS'  fix 'X-RAY DIFFRACTION' 
'ALL WATERS' fix 'X-RAY DIFFRACTION' 
# 
loop_
_chem_comp_atom.comp_id 
_chem_comp_atom.atom_id 
_chem_comp_atom.type_symbol 
_chem_comp_atom.pdbx_aromatic_flag 
_chem_comp_atom.pdbx_stereo_config 
_chem_comp_atom.pdbx_ordinal 
A   OP3    O  N N 1   
A   P      P  N N 2   
A   OP1    O  N N 3   
A   OP2    O  N N 4   
A   "O5'"  O  N N 5   
A   "C5'"  C  N N 6   
A   "C4'"  C  N R 7   
A   "O4'"  O  N N 8   
A   "C3'"  C  N S 9   
A   "O3'"  O  N N 10  
A   "C2'"  C  N R 11  
A   "O2'"  O  N N 12  
A   "C1'"  C  N R 13  
A   N9     N  Y N 14  
A   C8     C  Y N 15  
A   N7     N  Y N 16  
A   C5     C  Y N 17  
A   C6     C  Y N 18  
A   N6     N  N N 19  
A   N1     N  Y N 20  
A   C2     C  Y N 21  
A   N3     N  Y N 22  
A   C4     C  Y N 23  
A   HOP3   H  N N 24  
A   HOP2   H  N N 25  
A   "H5'"  H  N N 26  
A   "H5''" H  N N 27  
A   "H4'"  H  N N 28  
A   "H3'"  H  N N 29  
A   "HO3'" H  N N 30  
A   "H2'"  H  N N 31  
A   "HO2'" H  N N 32  
A   "H1'"  H  N N 33  
A   H8     H  N N 34  
A   H61    H  N N 35  
A   H62    H  N N 36  
A   H2     H  N N 37  
DC  OP3    O  N N 38  
DC  P      P  N N 39  
DC  OP1    O  N N 40  
DC  OP2    O  N N 41  
DC  "O5'"  O  N N 42  
DC  "C5'"  C  N N 43  
DC  "C4'"  C  N R 44  
DC  "O4'"  O  N N 45  
DC  "C3'"  C  N S 46  
DC  "O3'"  O  N N 47  
DC  "C2'"  C  N N 48  
DC  "C1'"  C  N R 49  
DC  N1     N  N N 50  
DC  C2     C  N N 51  
DC  O2     O  N N 52  
DC  N3     N  N N 53  
DC  C4     C  N N 54  
DC  N4     N  N N 55  
DC  C5     C  N N 56  
DC  C6     C  N N 57  
DC  HOP3   H  N N 58  
DC  HOP2   H  N N 59  
DC  "H5'"  H  N N 60  
DC  "H5''" H  N N 61  
DC  "H4'"  H  N N 62  
DC  "H3'"  H  N N 63  
DC  "HO3'" H  N N 64  
DC  "H2'"  H  N N 65  
DC  "H2''" H  N N 66  
DC  "H1'"  H  N N 67  
DC  H41    H  N N 68  
DC  H42    H  N N 69  
DC  H5     H  N N 70  
DC  H6     H  N N 71  
G   OP3    O  N N 72  
G   P      P  N N 73  
G   OP1    O  N N 74  
G   OP2    O  N N 75  
G   "O5'"  O  N N 76  
G   "C5'"  C  N N 77  
G   "C4'"  C  N R 78  
G   "O4'"  O  N N 79  
G   "C3'"  C  N S 80  
G   "O3'"  O  N N 81  
G   "C2'"  C  N R 82  
G   "O2'"  O  N N 83  
G   "C1'"  C  N R 84  
G   N9     N  Y N 85  
G   C8     C  Y N 86  
G   N7     N  Y N 87  
G   C5     C  Y N 88  
G   C6     C  N N 89  
G   O6     O  N N 90  
G   N1     N  N N 91  
G   C2     C  N N 92  
G   N2     N  N N 93  
G   N3     N  N N 94  
G   C4     C  Y N 95  
G   HOP3   H  N N 96  
G   HOP2   H  N N 97  
G   "H5'"  H  N N 98  
G   "H5''" H  N N 99  
G   "H4'"  H  N N 100 
G   "H3'"  H  N N 101 
G   "HO3'" H  N N 102 
G   "H2'"  H  N N 103 
G   "HO2'" H  N N 104 
G   "H1'"  H  N N 105 
G   H8     H  N N 106 
G   H1     H  N N 107 
G   H21    H  N N 108 
G   H22    H  N N 109 
HOH O      O  N N 110 
HOH H1     H  N N 111 
HOH H2     H  N N 112 
NA  NA     NA N N 113 
U   OP3    O  N N 114 
U   P      P  N N 115 
U   OP1    O  N N 116 
U   OP2    O  N N 117 
U   "O5'"  O  N N 118 
U   "C5'"  C  N N 119 
U   "C4'"  C  N R 120 
U   "O4'"  O  N N 121 
U   "C3'"  C  N S 122 
U   "O3'"  O  N N 123 
U   "C2'"  C  N R 124 
U   "O2'"  O  N N 125 
U   "C1'"  C  N R 126 
U   N1     N  N N 127 
U   C2     C  N N 128 
U   O2     O  N N 129 
U   N3     N  N N 130 
U   C4     C  N N 131 
U   O4     O  N N 132 
U   C5     C  N N 133 
U   C6     C  N N 134 
U   HOP3   H  N N 135 
U   HOP2   H  N N 136 
U   "H5'"  H  N N 137 
U   "H5''" H  N N 138 
U   "H4'"  H  N N 139 
U   "H3'"  H  N N 140 
U   "HO3'" H  N N 141 
U   "H2'"  H  N N 142 
U   "HO2'" H  N N 143 
U   "H1'"  H  N N 144 
U   H3     H  N N 145 
U   H5     H  N N 146 
U   H6     H  N N 147 
# 
loop_
_chem_comp_bond.comp_id 
_chem_comp_bond.atom_id_1 
_chem_comp_bond.atom_id_2 
_chem_comp_bond.value_order 
_chem_comp_bond.pdbx_aromatic_flag 
_chem_comp_bond.pdbx_stereo_config 
_chem_comp_bond.pdbx_ordinal 
A   OP3   P      sing N N 1   
A   OP3   HOP3   sing N N 2   
A   P     OP1    doub N N 3   
A   P     OP2    sing N N 4   
A   P     "O5'"  sing N N 5   
A   OP2   HOP2   sing N N 6   
A   "O5'" "C5'"  sing N N 7   
A   "C5'" "C4'"  sing N N 8   
A   "C5'" "H5'"  sing N N 9   
A   "C5'" "H5''" sing N N 10  
A   "C4'" "O4'"  sing N N 11  
A   "C4'" "C3'"  sing N N 12  
A   "C4'" "H4'"  sing N N 13  
A   "O4'" "C1'"  sing N N 14  
A   "C3'" "O3'"  sing N N 15  
A   "C3'" "C2'"  sing N N 16  
A   "C3'" "H3'"  sing N N 17  
A   "O3'" "HO3'" sing N N 18  
A   "C2'" "O2'"  sing N N 19  
A   "C2'" "C1'"  sing N N 20  
A   "C2'" "H2'"  sing N N 21  
A   "O2'" "HO2'" sing N N 22  
A   "C1'" N9     sing N N 23  
A   "C1'" "H1'"  sing N N 24  
A   N9    C8     sing Y N 25  
A   N9    C4     sing Y N 26  
A   C8    N7     doub Y N 27  
A   C8    H8     sing N N 28  
A   N7    C5     sing Y N 29  
A   C5    C6     sing Y N 30  
A   C5    C4     doub Y N 31  
A   C6    N6     sing N N 32  
A   C6    N1     doub Y N 33  
A   N6    H61    sing N N 34  
A   N6    H62    sing N N 35  
A   N1    C2     sing Y N 36  
A   C2    N3     doub Y N 37  
A   C2    H2     sing N N 38  
A   N3    C4     sing Y N 39  
DC  OP3   P      sing N N 40  
DC  OP3   HOP3   sing N N 41  
DC  P     OP1    doub N N 42  
DC  P     OP2    sing N N 43  
DC  P     "O5'"  sing N N 44  
DC  OP2   HOP2   sing N N 45  
DC  "O5'" "C5'"  sing N N 46  
DC  "C5'" "C4'"  sing N N 47  
DC  "C5'" "H5'"  sing N N 48  
DC  "C5'" "H5''" sing N N 49  
DC  "C4'" "O4'"  sing N N 50  
DC  "C4'" "C3'"  sing N N 51  
DC  "C4'" "H4'"  sing N N 52  
DC  "O4'" "C1'"  sing N N 53  
DC  "C3'" "O3'"  sing N N 54  
DC  "C3'" "C2'"  sing N N 55  
DC  "C3'" "H3'"  sing N N 56  
DC  "O3'" "HO3'" sing N N 57  
DC  "C2'" "C1'"  sing N N 58  
DC  "C2'" "H2'"  sing N N 59  
DC  "C2'" "H2''" sing N N 60  
DC  "C1'" N1     sing N N 61  
DC  "C1'" "H1'"  sing N N 62  
DC  N1    C2     sing N N 63  
DC  N1    C6     sing N N 64  
DC  C2    O2     doub N N 65  
DC  C2    N3     sing N N 66  
DC  N3    C4     doub N N 67  
DC  C4    N4     sing N N 68  
DC  C4    C5     sing N N 69  
DC  N4    H41    sing N N 70  
DC  N4    H42    sing N N 71  
DC  C5    C6     doub N N 72  
DC  C5    H5     sing N N 73  
DC  C6    H6     sing N N 74  
G   OP3   P      sing N N 75  
G   OP3   HOP3   sing N N 76  
G   P     OP1    doub N N 77  
G   P     OP2    sing N N 78  
G   P     "O5'"  sing N N 79  
G   OP2   HOP2   sing N N 80  
G   "O5'" "C5'"  sing N N 81  
G   "C5'" "C4'"  sing N N 82  
G   "C5'" "H5'"  sing N N 83  
G   "C5'" "H5''" sing N N 84  
G   "C4'" "O4'"  sing N N 85  
G   "C4'" "C3'"  sing N N 86  
G   "C4'" "H4'"  sing N N 87  
G   "O4'" "C1'"  sing N N 88  
G   "C3'" "O3'"  sing N N 89  
G   "C3'" "C2'"  sing N N 90  
G   "C3'" "H3'"  sing N N 91  
G   "O3'" "HO3'" sing N N 92  
G   "C2'" "O2'"  sing N N 93  
G   "C2'" "C1'"  sing N N 94  
G   "C2'" "H2'"  sing N N 95  
G   "O2'" "HO2'" sing N N 96  
G   "C1'" N9     sing N N 97  
G   "C1'" "H1'"  sing N N 98  
G   N9    C8     sing Y N 99  
G   N9    C4     sing Y N 100 
G   C8    N7     doub Y N 101 
G   C8    H8     sing N N 102 
G   N7    C5     sing Y N 103 
G   C5    C6     sing N N 104 
G   C5    C4     doub Y N 105 
G   C6    O6     doub N N 106 
G   C6    N1     sing N N 107 
G   N1    C2     sing N N 108 
G   N1    H1     sing N N 109 
G   C2    N2     sing N N 110 
G   C2    N3     doub N N 111 
G   N2    H21    sing N N 112 
G   N2    H22    sing N N 113 
G   N3    C4     sing N N 114 
HOH O     H1     sing N N 115 
HOH O     H2     sing N N 116 
U   OP3   P      sing N N 117 
U   OP3   HOP3   sing N N 118 
U   P     OP1    doub N N 119 
U   P     OP2    sing N N 120 
U   P     "O5'"  sing N N 121 
U   OP2   HOP2   sing N N 122 
U   "O5'" "C5'"  sing N N 123 
U   "C5'" "C4'"  sing N N 124 
U   "C5'" "H5'"  sing N N 125 
U   "C5'" "H5''" sing N N 126 
U   "C4'" "O4'"  sing N N 127 
U   "C4'" "C3'"  sing N N 128 
U   "C4'" "H4'"  sing N N 129 
U   "O4'" "C1'"  sing N N 130 
U   "C3'" "O3'"  sing N N 131 
U   "C3'" "C2'"  sing N N 132 
U   "C3'" "H3'"  sing N N 133 
U   "O3'" "HO3'" sing N N 134 
U   "C2'" "O2'"  sing N N 135 
U   "C2'" "C1'"  sing N N 136 
U   "C2'" "H2'"  sing N N 137 
U   "O2'" "HO2'" sing N N 138 
U   "C1'" N1     sing N N 139 
U   "C1'" "H1'"  sing N N 140 
U   N1    C2     sing N N 141 
U   N1    C6     sing N N 142 
U   C2    O2     doub N N 143 
U   C2    N3     sing N N 144 
U   N3    C4     sing N N 145 
U   N3    H3     sing N N 146 
U   C4    O4     doub N N 147 
U   C4    C5     sing N N 148 
U   C5    C6     doub N N 149 
U   C5    H5     sing N N 150 
U   C6    H6     sing N N 151 
# 
_ndb_struct_conf_na.entry_id   246D 
_ndb_struct_conf_na.feature    'a-form double helix' 
# 
loop_
_ndb_struct_na_base_pair.model_number 
_ndb_struct_na_base_pair.i_label_asym_id 
_ndb_struct_na_base_pair.i_label_comp_id 
_ndb_struct_na_base_pair.i_label_seq_id 
_ndb_struct_na_base_pair.i_symmetry 
_ndb_struct_na_base_pair.j_label_asym_id 
_ndb_struct_na_base_pair.j_label_comp_id 
_ndb_struct_na_base_pair.j_label_seq_id 
_ndb_struct_na_base_pair.j_symmetry 
_ndb_struct_na_base_pair.shear 
_ndb_struct_na_base_pair.stretch 
_ndb_struct_na_base_pair.stagger 
_ndb_struct_na_base_pair.buckle 
_ndb_struct_na_base_pair.propeller 
_ndb_struct_na_base_pair.opening 
_ndb_struct_na_base_pair.pair_number 
_ndb_struct_na_base_pair.pair_name 
_ndb_struct_na_base_pair.i_auth_asym_id 
_ndb_struct_na_base_pair.i_auth_seq_id 
_ndb_struct_na_base_pair.i_PDB_ins_code 
_ndb_struct_na_base_pair.j_auth_asym_id 
_ndb_struct_na_base_pair.j_auth_seq_id 
_ndb_struct_na_base_pair.j_PDB_ins_code 
_ndb_struct_na_base_pair.hbond_type_28 
_ndb_struct_na_base_pair.hbond_type_12 
1 A G  1 1_555 B DC 8 1_555 -0.129 -0.128 -0.006 -9.812 -16.583 -0.048 1 A_G1:DC16_B A 1 ? B 16 ? 19 1 
1 A U  2 1_555 B A  7 1_555 -0.354 -0.186 0.026  -6.750 -17.580 8.128  2 A_U2:A15_B  A 2 ? B 15 ? 20 1 
1 A A  3 1_555 B U  6 1_555 -0.333 -0.287 -0.373 -6.984 -11.241 1.193  3 A_A3:U14_B  A 3 ? B 14 ? 20 1 
1 A U  4 1_555 B A  5 1_555 -0.185 -0.149 0.028  4.324  -18.151 -2.443 4 A_U4:A13_B  A 4 ? B 13 ? 20 1 
1 A A  5 1_555 B U  4 1_555 -0.267 0.167  -0.086 2.964  -19.065 7.934  5 A_A5:U12_B  A 5 ? B 12 ? ?  ? 
1 A U  6 1_555 B A  3 1_555 -0.018 0.106  -0.026 -2.036 -22.947 7.262  6 A_U6:A11_B  A 6 ? B 11 ? 20 1 
1 A A  7 1_555 B U  2 1_555 -0.248 -0.162 0.123  5.419  -15.054 0.468  7 A_A7:U10_B  A 7 ? B 10 ? 20 1 
1 A DC 8 1_555 B G  1 1_555 0.817  -0.166 -0.042 4.688  -21.158 -1.211 8 A_DC8:G9_B  A 8 ? B 9  ? 19 1 
# 
loop_
_ndb_struct_na_base_pair_step.model_number 
_ndb_struct_na_base_pair_step.i_label_asym_id_1 
_ndb_struct_na_base_pair_step.i_label_comp_id_1 
_ndb_struct_na_base_pair_step.i_label_seq_id_1 
_ndb_struct_na_base_pair_step.i_symmetry_1 
_ndb_struct_na_base_pair_step.j_label_asym_id_1 
_ndb_struct_na_base_pair_step.j_label_comp_id_1 
_ndb_struct_na_base_pair_step.j_label_seq_id_1 
_ndb_struct_na_base_pair_step.j_symmetry_1 
_ndb_struct_na_base_pair_step.i_label_asym_id_2 
_ndb_struct_na_base_pair_step.i_label_comp_id_2 
_ndb_struct_na_base_pair_step.i_label_seq_id_2 
_ndb_struct_na_base_pair_step.i_symmetry_2 
_ndb_struct_na_base_pair_step.j_label_asym_id_2 
_ndb_struct_na_base_pair_step.j_label_comp_id_2 
_ndb_struct_na_base_pair_step.j_label_seq_id_2 
_ndb_struct_na_base_pair_step.j_symmetry_2 
_ndb_struct_na_base_pair_step.shift 
_ndb_struct_na_base_pair_step.slide 
_ndb_struct_na_base_pair_step.rise 
_ndb_struct_na_base_pair_step.tilt 
_ndb_struct_na_base_pair_step.roll 
_ndb_struct_na_base_pair_step.twist 
_ndb_struct_na_base_pair_step.x_displacement 
_ndb_struct_na_base_pair_step.y_displacement 
_ndb_struct_na_base_pair_step.helical_rise 
_ndb_struct_na_base_pair_step.inclination 
_ndb_struct_na_base_pair_step.tip 
_ndb_struct_na_base_pair_step.helical_twist 
_ndb_struct_na_base_pair_step.step_number 
_ndb_struct_na_base_pair_step.step_name 
_ndb_struct_na_base_pair_step.i_auth_asym_id_1 
_ndb_struct_na_base_pair_step.i_auth_seq_id_1 
_ndb_struct_na_base_pair_step.i_PDB_ins_code_1 
_ndb_struct_na_base_pair_step.j_auth_asym_id_1 
_ndb_struct_na_base_pair_step.j_auth_seq_id_1 
_ndb_struct_na_base_pair_step.j_PDB_ins_code_1 
_ndb_struct_na_base_pair_step.i_auth_asym_id_2 
_ndb_struct_na_base_pair_step.i_auth_seq_id_2 
_ndb_struct_na_base_pair_step.i_PDB_ins_code_2 
_ndb_struct_na_base_pair_step.j_auth_asym_id_2 
_ndb_struct_na_base_pair_step.j_auth_seq_id_2 
_ndb_struct_na_base_pair_step.j_PDB_ins_code_2 
1 A G 1 1_555 B DC 8 1_555 A U  2 1_555 B A 7 1_555 0.035  -1.041 3.256 -0.469 2.369  33.335 -2.196 -0.137 3.176 4.123  0.816  
33.420 1 AA_G1U2:A15DC16_BB A 1 ? B 16 ? A 2 ? B 15 ? 
1 A U 2 1_555 B A  7 1_555 A A  3 1_555 B U 6 1_555 -0.154 -1.327 3.274 1.052  17.076 30.462 -4.560 0.401  2.234 29.737 -1.831 
34.838 2 AA_U2A3:U14A15_BB  A 2 ? B 15 ? A 3 ? B 14 ? 
1 A A 3 1_555 B U  6 1_555 A U  4 1_555 B A 5 1_555 0.027  -1.172 3.104 -3.097 2.959  30.591 -2.736 -0.611 2.964 5.574  5.834  
30.882 3 AA_A3U4:A13U14_BB  A 3 ? B 14 ? A 4 ? B 13 ? 
1 A U 4 1_555 B A  5 1_555 A A  5 1_555 B U 4 1_555 0.327  -1.252 3.293 -0.017 12.286 31.595 -4.014 -0.564 2.637 21.572 0.031  
33.843 4 AA_U4A5:U12A13_BB  A 4 ? B 13 ? A 5 ? B 12 ? 
1 A A 5 1_555 B U  4 1_555 A U  6 1_555 B A 3 1_555 0.120  -0.978 3.361 1.023  11.492 33.541 -3.268 -0.049 2.884 19.221 -1.712 
35.416 5 AA_A5U6:A11U12_BB  A 5 ? B 12 ? A 6 ? B 11 ? 
1 A U 6 1_555 B A  3 1_555 A A  7 1_555 B U 2 1_555 -0.640 -1.144 2.930 -4.225 16.834 30.553 -3.992 0.539  2.104 29.178 7.323  
35.036 6 AA_U6A7:U10A11_BB  A 6 ? B 11 ? A 7 ? B 10 ? 
1 A A 7 1_555 B U  2 1_555 A DC 8 1_555 B G 1 1_555 0.387  -1.157 3.444 5.163  11.428 36.971 -3.135 0.053  2.996 17.418 -7.868 
38.969 7 AA_A7DC8:G9U10_BB  A 7 ? B 10 ? A 8 ? B 9  ? 
# 
_atom_sites.entry_id                    246D 
_atom_sites.fract_transf_matrix[1][1]   0.00281448 
_atom_sites.fract_transf_matrix[1][2]   -0.02428083 
_atom_sites.fract_transf_matrix[1][3]   0.01096839 
_atom_sites.fract_transf_matrix[2][1]   0.00349326 
_atom_sites.fract_transf_matrix[2][2]   -0.02145198 
_atom_sites.fract_transf_matrix[2][3]   -0.01566421 
_atom_sites.fract_transf_matrix[3][1]   0.01667329 
_atom_sites.fract_transf_matrix[3][2]   0.00223171 
_atom_sites.fract_transf_matrix[3][3]   0.00066200 
_atom_sites.fract_transf_vector[1]      0.926403 
_atom_sites.fract_transf_vector[2]      0.247719 
_atom_sites.fract_transf_vector[3]      -0.046541 
# 
loop_
_atom_type.symbol 
C  
N  
NA 
O  
P  
# 
loop_
_atom_site.group_PDB 
_atom_site.id 
_atom_site.type_symbol 
_atom_site.label_atom_id 
_atom_site.label_alt_id 
_atom_site.label_comp_id 
_atom_site.label_asym_id 
_atom_site.label_entity_id 
_atom_site.label_seq_id 
_atom_site.pdbx_PDB_ins_code 
_atom_site.Cartn_x 
_atom_site.Cartn_y 
_atom_site.Cartn_z 
_atom_site.occupancy 
_atom_site.B_iso_or_equiv 
_atom_site.pdbx_formal_charge 
_atom_site.auth_seq_id 
_atom_site.auth_comp_id 
_atom_site.auth_asym_id 
_atom_site.auth_atom_id 
_atom_site.pdbx_PDB_model_num 
ATOM   1   O  "O5'" . G   A 1 1 ? -3.228  -11.500 0.355   1.00 40.66 ? 1   G   A "O5'" 1 
ATOM   2   C  "C5'" . G   A 1 1 ? -3.001  -12.741 -0.340  1.00 34.24 ? 1   G   A "C5'" 1 
ATOM   3   C  "C4'" . G   A 1 1 ? -3.275  -12.602 -1.837  1.00 35.37 ? 1   G   A "C4'" 1 
ATOM   4   O  "O4'" . G   A 1 1 ? -4.628  -12.197 -1.952  1.00 34.51 ? 1   G   A "O4'" 1 
ATOM   5   C  "C3'" . G   A 1 1 ? -2.521  -11.506 -2.588  1.00 32.50 ? 1   G   A "C3'" 1 
ATOM   6   O  "O3'" . G   A 1 1 ? -1.253  -12.034 -2.979  1.00 37.49 ? 1   G   A "O3'" 1 
ATOM   7   C  "C2'" . G   A 1 1 ? -3.367  -11.445 -3.801  1.00 29.88 ? 1   G   A "C2'" 1 
ATOM   8   O  "O2'" . G   A 1 1 ? -3.347  -12.652 -4.543  1.00 34.20 ? 1   G   A "O2'" 1 
ATOM   9   C  "C1'" . G   A 1 1 ? -4.722  -11.380 -3.141  1.00 30.23 ? 1   G   A "C1'" 1 
ATOM   10  N  N9    . G   A 1 1 ? -5.155  -10.020 -2.777  1.00 25.94 ? 1   G   A N9    1 
ATOM   11  C  C8    . G   A 1 1 ? -5.427  -9.541  -1.528  1.00 24.86 ? 1   G   A C8    1 
ATOM   12  N  N7    . G   A 1 1 ? -5.929  -8.350  -1.510  1.00 24.33 ? 1   G   A N7    1 
ATOM   13  C  C5    . G   A 1 1 ? -5.997  -7.997  -2.860  1.00 23.50 ? 1   G   A C5    1 
ATOM   14  C  C6    . G   A 1 1 ? -6.494  -6.802  -3.464  1.00 22.53 ? 1   G   A C6    1 
ATOM   15  O  O6    . G   A 1 1 ? -6.983  -5.787  -2.961  1.00 26.20 ? 1   G   A O6    1 
ATOM   16  N  N1    . G   A 1 1 ? -6.375  -6.879  -4.827  1.00 19.94 ? 1   G   A N1    1 
ATOM   17  C  C2    . G   A 1 1 ? -5.859  -7.928  -5.535  1.00 14.80 ? 1   G   A C2    1 
ATOM   18  N  N2    . G   A 1 1 ? -5.790  -7.756  -6.847  1.00 17.52 ? 1   G   A N2    1 
ATOM   19  N  N3    . G   A 1 1 ? -5.403  -9.046  -4.987  1.00 21.89 ? 1   G   A N3    1 
ATOM   20  C  C4    . G   A 1 1 ? -5.510  -9.011  -3.639  1.00 22.48 ? 1   G   A C4    1 
ATOM   21  P  P     . U   A 1 2 ? 0.086   -11.114 -3.201  1.00 31.00 ? 2   U   A P     1 
ATOM   22  O  OP1   . U   A 1 2 ? 1.206   -12.038 -3.499  1.00 31.49 ? 2   U   A OP1   1 
ATOM   23  O  OP2   . U   A 1 2 ? 0.173   -10.114 -2.121  1.00 26.85 ? 2   U   A OP2   1 
ATOM   24  O  "O5'" . U   A 1 2 ? -0.293  -10.359 -4.545  1.00 33.03 ? 2   U   A "O5'" 1 
ATOM   25  C  "C5'" . U   A 1 2 ? 0.069   -10.946 -5.786  1.00 29.33 ? 2   U   A "C5'" 1 
ATOM   26  C  "C4'" . U   A 1 2 ? -0.287  -9.933  -6.819  1.00 32.32 ? 2   U   A "C4'" 1 
ATOM   27  O  "O4'" . U   A 1 2 ? -1.655  -9.586  -6.585  1.00 34.46 ? 2   U   A "O4'" 1 
ATOM   28  C  "C3'" . U   A 1 2 ? 0.456   -8.613  -6.601  1.00 36.75 ? 2   U   A "C3'" 1 
ATOM   29  O  "O3'" . U   A 1 2 ? 1.773   -8.689  -7.208  1.00 41.51 ? 2   U   A "O3'" 1 
ATOM   30  C  "C2'" . U   A 1 2 ? -0.445  -7.685  -7.438  1.00 36.53 ? 2   U   A "C2'" 1 
ATOM   31  O  "O2'" . U   A 1 2 ? -0.311  -7.881  -8.858  1.00 41.82 ? 2   U   A "O2'" 1 
ATOM   32  C  "C1'" . U   A 1 2 ? -1.823  -8.179  -6.941  1.00 34.01 ? 2   U   A "C1'" 1 
ATOM   33  N  N1    . U   A 1 2 ? -2.314  -7.365  -5.795  1.00 27.66 ? 2   U   A N1    1 
ATOM   34  C  C2    . U   A 1 2 ? -2.968  -6.160  -6.041  1.00 30.42 ? 2   U   A C2    1 
ATOM   35  O  O2    . U   A 1 2 ? -3.184  -5.685  -7.160  1.00 34.43 ? 2   U   A O2    1 
ATOM   36  N  N3    . U   A 1 2 ? -3.367  -5.466  -4.922  1.00 25.69 ? 2   U   A N3    1 
ATOM   37  C  C4    . U   A 1 2 ? -3.182  -5.824  -3.620  1.00 22.35 ? 2   U   A C4    1 
ATOM   38  O  O4    . U   A 1 2 ? -3.600  -5.116  -2.701  1.00 26.43 ? 2   U   A O4    1 
ATOM   39  C  C5    . U   A 1 2 ? -2.506  -7.063  -3.472  1.00 17.77 ? 2   U   A C5    1 
ATOM   40  C  C6    . U   A 1 2 ? -2.108  -7.779  -4.529  1.00 20.17 ? 2   U   A C6    1 
ATOM   41  P  P     . A   A 1 3 ? 3.001   -7.779  -6.650  1.00 41.37 ? 3   A   A P     1 
ATOM   42  O  OP1   . A   A 1 3 ? 4.242   -8.163  -7.352  1.00 42.84 ? 3   A   A OP1   1 
ATOM   43  O  OP2   . A   A 1 3 ? 2.960   -7.783  -5.168  1.00 37.07 ? 3   A   A OP2   1 
ATOM   44  O  "O5'" . A   A 1 3 ? 2.581   -6.304  -7.140  1.00 35.17 ? 3   A   A "O5'" 1 
ATOM   45  C  "C5'" . A   A 1 3 ? 2.625   -5.927  -8.506  1.00 32.94 ? 3   A   A "C5'" 1 
ATOM   46  C  "C4'" . A   A 1 3 ? 1.948   -4.551  -8.713  1.00 31.46 ? 3   A   A "C4'" 1 
ATOM   47  O  "O4'" . A   A 1 3 ? 0.634   -4.551  -8.179  1.00 31.44 ? 3   A   A "O4'" 1 
ATOM   48  C  "C3'" . A   A 1 3 ? 2.549   -3.377  -8.008  1.00 27.09 ? 3   A   A "C3'" 1 
ATOM   49  O  "O3'" . A   A 1 3 ? 3.742   -3.010  -8.700  1.00 31.42 ? 3   A   A "O3'" 1 
ATOM   50  C  "C2'" . A   A 1 3 ? 1.455   -2.341  -8.304  1.00 28.90 ? 3   A   A "C2'" 1 
ATOM   51  O  "O2'" . A   A 1 3 ? 1.305   -1.887  -9.674  1.00 32.96 ? 3   A   A "O2'" 1 
ATOM   52  C  "C1'" . A   A 1 3 ? 0.238   -3.185  -7.969  1.00 25.79 ? 3   A   A "C1'" 1 
ATOM   53  N  N9    . A   A 1 3 ? -0.153  -3.089  -6.578  1.00 20.78 ? 3   A   A N9    1 
ATOM   54  C  C8    . A   A 1 3 ? 0.018   -4.039  -5.620  1.00 14.35 ? 3   A   A C8    1 
ATOM   55  N  N7    . A   A 1 3 ? -0.582  -3.758  -4.515  1.00 22.78 ? 3   A   A N7    1 
ATOM   56  C  C5    . A   A 1 3 ? -1.180  -2.527  -4.771  1.00 22.59 ? 3   A   A C5    1 
ATOM   57  C  C6    . A   A 1 3 ? -2.013  -1.725  -3.989  1.00 22.97 ? 3   A   A C6    1 
ATOM   58  N  N6    . A   A 1 3 ? -2.419  -2.113  -2.772  1.00 26.84 ? 3   A   A N6    1 
ATOM   59  N  N1    . A   A 1 3 ? -2.472  -0.590  -4.540  1.00 26.52 ? 3   A   A N1    1 
ATOM   60  C  C2    . A   A 1 3 ? -2.135  -0.283  -5.797  1.00 27.42 ? 3   A   A C2    1 
ATOM   61  N  N3    . A   A 1 3 ? -1.370  -0.963  -6.636  1.00 27.00 ? 3   A   A N3    1 
ATOM   62  C  C4    . A   A 1 3 ? -0.916  -2.100  -6.036  1.00 21.82 ? 3   A   A C4    1 
ATOM   63  P  P     . U   A 1 4 ? 4.914   -2.347  -7.758  1.00 38.81 ? 4   U   A P     1 
ATOM   64  O  OP1   . U   A 1 4 ? 6.206   -2.432  -8.479  1.00 42.63 ? 4   U   A OP1   1 
ATOM   65  O  OP2   . U   A 1 4 ? 4.819   -2.995  -6.402  1.00 37.93 ? 4   U   A OP2   1 
ATOM   66  O  "O5'" . U   A 1 4 ? 4.411   -0.847  -7.673  1.00 33.77 ? 4   U   A "O5'" 1 
ATOM   67  C  "C5'" . U   A 1 4 ? 4.283   0.042   -8.720  1.00 30.28 ? 4   U   A "C5'" 1 
ATOM   68  C  "C4'" . U   A 1 4 ? 3.429   1.194   -8.293  1.00 30.50 ? 4   U   A "C4'" 1 
ATOM   69  O  "O4'" . U   A 1 4 ? 2.158   0.710   -7.816  1.00 33.98 ? 4   U   A "O4'" 1 
ATOM   70  C  "C3'" . U   A 1 4 ? 3.933   1.937   -7.097  1.00 32.44 ? 4   U   A "C3'" 1 
ATOM   71  O  "O3'" . U   A 1 4 ? 4.949   2.823   -7.515  1.00 31.70 ? 4   U   A "O3'" 1 
ATOM   72  C  "C2'" . U   A 1 4 ? 2.666   2.744   -6.726  1.00 36.91 ? 4   U   A "C2'" 1 
ATOM   73  O  "O2'" . U   A 1 4 ? 2.250   3.748   -7.678  1.00 44.33 ? 4   U   A "O2'" 1 
ATOM   74  C  "C1'" . U   A 1 4 ? 1.630   1.603   -6.810  1.00 32.56 ? 4   U   A "C1'" 1 
ATOM   75  N  N1    . U   A 1 4 ? 1.473   0.954   -5.485  1.00 30.47 ? 4   U   A N1    1 
ATOM   76  C  C2    . U   A 1 4 ? 0.586   1.545   -4.603  1.00 26.75 ? 4   U   A C2    1 
ATOM   77  O  O2    . U   A 1 4 ? -0.070  2.559   -4.844  1.00 24.14 ? 4   U   A O2    1 
ATOM   78  N  N3    . U   A 1 4 ? 0.447   0.889   -3.399  1.00 26.27 ? 4   U   A N3    1 
ATOM   79  C  C4    . U   A 1 4 ? 1.079   -0.257  -2.999  1.00 25.10 ? 4   U   A C4    1 
ATOM   80  O  O4    . U   A 1 4 ? 0.807   -0.735  -1.911  1.00 29.13 ? 4   U   A O4    1 
ATOM   81  C  C5    . U   A 1 4 ? 1.986   -0.806  -3.950  1.00 27.87 ? 4   U   A C5    1 
ATOM   82  C  C6    . U   A 1 4 ? 2.154   -0.195  -5.143  1.00 31.24 ? 4   U   A C6    1 
ATOM   83  P  P     . A   A 1 5 ? 6.138   3.371   -6.566  1.00 29.82 ? 5   A   A P     1 
ATOM   84  O  OP1   . A   A 1 5 ? 7.129   4.028   -7.451  1.00 38.41 ? 5   A   A OP1   1 
ATOM   85  O  OP2   . A   A 1 5 ? 6.701   2.312   -5.708  1.00 31.50 ? 5   A   A OP2   1 
ATOM   86  O  "O5'" . A   A 1 5 ? 5.354   4.473   -5.673  1.00 26.03 ? 5   A   A "O5'" 1 
ATOM   87  C  "C5'" . A   A 1 5 ? 4.843   5.722   -6.192  1.00 28.19 ? 5   A   A "C5'" 1 
ATOM   88  C  "C4'" . A   A 1 5 ? 3.982   6.482   -5.154  1.00 30.24 ? 5   A   A "C4'" 1 
ATOM   89  O  "O4'" . A   A 1 5 ? 2.823   5.687   -4.885  1.00 32.97 ? 5   A   A "O4'" 1 
ATOM   90  C  "C3'" . A   A 1 5 ? 4.625   6.656   -3.760  1.00 33.91 ? 5   A   A "C3'" 1 
ATOM   91  O  "O3'" . A   A 1 5 ? 5.448   7.841   -3.736  1.00 33.10 ? 5   A   A "O3'" 1 
ATOM   92  C  "C2'" . A   A 1 5 ? 3.379   6.929   -2.930  1.00 31.41 ? 5   A   A "C2'" 1 
ATOM   93  O  "O2'" . A   A 1 5 ? 2.785   8.216   -3.103  1.00 38.71 ? 5   A   A "O2'" 1 
ATOM   94  C  "C1'" . A   A 1 5 ? 2.465   5.836   -3.486  1.00 31.52 ? 5   A   A "C1'" 1 
ATOM   95  N  N9    . A   A 1 5 ? 2.687   4.580   -2.733  1.00 25.60 ? 5   A   A N9    1 
ATOM   96  C  C8    . A   A 1 5 ? 3.449   3.507   -3.080  1.00 21.13 ? 5   A   A C8    1 
ATOM   97  N  N7    . A   A 1 5 ? 3.346   2.503   -2.273  1.00 21.23 ? 5   A   A N7    1 
ATOM   98  C  C5    . A   A 1 5 ? 2.462   2.934   -1.305  1.00 20.85 ? 5   A   A C5    1 
ATOM   99  C  C6    . A   A 1 5 ? 1.986   2.318   -0.130  1.00 16.90 ? 5   A   A C6    1 
ATOM   100 N  N6    . A   A 1 5 ? 2.275   1.063   0.234   1.00 17.74 ? 5   A   A N6    1 
ATOM   101 N  N1    . A   A 1 5 ? 1.185   3.028   0.635   1.00 17.52 ? 5   A   A N1    1 
ATOM   102 C  C2    . A   A 1 5 ? 0.876   4.262   0.257   1.00 16.54 ? 5   A   A C2    1 
ATOM   103 N  N3    . A   A 1 5 ? 1.237   4.955   -0.810  1.00 19.51 ? 5   A   A N3    1 
ATOM   104 C  C4    . A   A 1 5 ? 2.055   4.208   -1.574  1.00 22.00 ? 5   A   A C4    1 
ATOM   105 P  P     . U   A 1 6 ? 6.853   7.937   -2.953  1.00 31.57 ? 6   U   A P     1 
ATOM   106 O  OP1   . U   A 1 6 ? 7.447   9.265   -3.234  1.00 41.06 ? 6   U   A OP1   1 
ATOM   107 O  OP2   . U   A 1 6 ? 7.661   6.718   -3.184  1.00 33.35 ? 6   U   A OP2   1 
ATOM   108 O  "O5'" . U   A 1 6 ? 6.440   7.951   -1.417  1.00 36.47 ? 6   U   A "O5'" 1 
ATOM   109 C  "C5'" . U   A 1 6 ? 5.785   9.182   -1.092  1.00 37.95 ? 6   U   A "C5'" 1 
ATOM   110 C  "C4'" . U   A 1 6 ? 5.091   9.170   0.222   1.00 35.48 ? 6   U   A "C4'" 1 
ATOM   111 O  "O4'" . U   A 1 6 ? 3.971   8.260   0.283   1.00 34.19 ? 6   U   A "O4'" 1 
ATOM   112 C  "C3'" . U   A 1 6 ? 6.071   8.664   1.284   1.00 34.35 ? 6   U   A "C3'" 1 
ATOM   113 O  "O3'" . U   A 1 6 ? 6.966   9.754   1.612   1.00 34.01 ? 6   U   A "O3'" 1 
ATOM   114 C  "C2'" . U   A 1 6 ? 5.046   8.380   2.400   1.00 28.98 ? 6   U   A "C2'" 1 
ATOM   115 O  "O2'" . U   A 1 6 ? 4.417   9.567   2.861   1.00 24.17 ? 6   U   A "O2'" 1 
ATOM   116 C  "C1'" . U   A 1 6 ? 4.010   7.586   1.546   1.00 29.74 ? 6   U   A "C1'" 1 
ATOM   117 N  N1    . U   A 1 6 ? 4.375   6.174   1.319   1.00 27.91 ? 6   U   A N1    1 
ATOM   118 C  C2    . U   A 1 6 ? 3.950   5.278   2.246   1.00 26.50 ? 6   U   A C2    1 
ATOM   119 O  O2    . U   A 1 6 ? 3.215   5.596   3.163   1.00 32.33 ? 6   U   A O2    1 
ATOM   120 N  N3    . U   A 1 6 ? 4.332   3.983   2.092   1.00 20.81 ? 6   U   A N3    1 
ATOM   121 C  C4    . U   A 1 6 ? 5.090   3.501   1.091   1.00 24.07 ? 6   U   A C4    1 
ATOM   122 O  O4    . U   A 1 6 ? 5.401   2.322   1.104   1.00 27.90 ? 6   U   A O4    1 
ATOM   123 C  C5    . U   A 1 6 ? 5.501   4.479   0.127   1.00 24.24 ? 6   U   A C5    1 
ATOM   124 C  C6    . U   A 1 6 ? 5.139   5.764   0.269   1.00 24.35 ? 6   U   A C6    1 
ATOM   125 P  P     . A   A 1 7 ? 8.328   9.569   2.464   1.00 29.78 ? 7   A   A P     1 
ATOM   126 O  OP1   . A   A 1 7 ? 9.098   10.816  2.495   1.00 34.37 ? 7   A   A OP1   1 
ATOM   127 O  OP2   . A   A 1 7 ? 9.075   8.327   2.185   1.00 30.49 ? 7   A   A OP2   1 
ATOM   128 O  "O5'" . A   A 1 7 ? 7.529   9.490   3.800   1.00 29.22 ? 7   A   A "O5'" 1 
ATOM   129 C  "C5'" . A   A 1 7 ? 8.305   9.184   4.883   1.00 35.55 ? 7   A   A "C5'" 1 
ATOM   130 C  "C4'" . A   A 1 7 ? 7.451   8.986   6.097   1.00 30.98 ? 7   A   A "C4'" 1 
ATOM   131 O  "O4'" . A   A 1 7 ? 6.299   8.177   5.838   1.00 26.89 ? 7   A   A "O4'" 1 
ATOM   132 C  "C3'" . A   A 1 7 ? 8.411   8.094   6.824   1.00 28.49 ? 7   A   A "C3'" 1 
ATOM   133 O  "O3'" . A   A 1 7 ? 9.275   8.966   7.601   1.00 29.14 ? 7   A   A "O3'" 1 
ATOM   134 C  "C2'" . A   A 1 7 ? 7.470   7.243   7.690   1.00 25.38 ? 7   A   A "C2'" 1 
ATOM   135 O  "O2'" . A   A 1 7 ? 6.904   7.953   8.760   1.00 26.58 ? 7   A   A "O2'" 1 
ATOM   136 C  "C1'" . A   A 1 7 ? 6.379   6.982   6.639   1.00 28.21 ? 7   A   A "C1'" 1 
ATOM   137 N  N9    . A   A 1 7 ? 6.677   5.876   5.718   1.00 1.00  ? 7   A   A N9    1 
ATOM   138 C  C8    . A   A 1 7 ? 7.085   5.909   4.415   1.00 1.00  ? 7   A   A C8    1 
ATOM   139 N  N7    . A   A 1 7 ? 7.156   4.738   3.860   1.00 1.00  ? 7   A   A N7    1 
ATOM   140 C  C5    . A   A 1 7 ? 6.777   3.866   4.867   1.00 1.00  ? 7   A   A C5    1 
ATOM   141 C  C6    . A   A 1 7 ? 6.644   2.467   4.923   1.00 1.00  ? 7   A   A C6    1 
ATOM   142 N  N6    . A   A 1 7 ? 6.908   1.663   3.877   1.00 1.00  ? 7   A   A N6    1 
ATOM   143 N  N1    . A   A 1 7 ? 6.236   1.926   6.080   1.00 1.00  ? 7   A   A N1    1 
ATOM   144 C  C2    . A   A 1 7 ? 5.988   2.730   7.119   1.00 1.00  ? 7   A   A C2    1 
ATOM   145 N  N3    . A   A 1 7 ? 6.070   4.048   7.191   1.00 1.00  ? 7   A   A N3    1 
ATOM   146 C  C4    . A   A 1 7 ? 6.472   4.549   6.012   1.00 1.00  ? 7   A   A C4    1 
ATOM   147 P  P     . DC  A 1 8 ? 10.916  8.788   7.480   1.00 27.02 ? 8   DC  A P     1 
ATOM   148 O  OP1   . DC  A 1 8 ? 11.574  9.872   8.270   1.00 34.73 ? 8   DC  A OP1   1 
ATOM   149 O  OP2   . DC  A 1 8 ? 11.306  8.521   6.080   1.00 19.97 ? 8   DC  A OP2   1 
ATOM   150 O  "O5'" . DC  A 1 8 ? 11.034  7.442   8.304   1.00 26.93 ? 8   DC  A "O5'" 1 
ATOM   151 C  "C5'" . DC  A 1 8 ? 10.472  7.383   9.609   1.00 20.84 ? 8   DC  A "C5'" 1 
ATOM   152 C  "C4'" . DC  A 1 8 ? 10.481  5.972   10.028  1.00 22.81 ? 8   DC  A "C4'" 1 
ATOM   153 O  "O4'" . DC  A 1 8 ? 9.564   5.300   9.188   1.00 22.77 ? 8   DC  A "O4'" 1 
ATOM   154 C  "C3'" . DC  A 1 8 ? 11.818  5.277   9.749   1.00 24.42 ? 8   DC  A "C3'" 1 
ATOM   155 O  "O3'" . DC  A 1 8 ? 12.873  5.635   10.665  1.00 34.61 ? 8   DC  A "O3'" 1 
ATOM   156 C  "C2'" . DC  A 1 8 ? 11.369  3.861   9.868   1.00 24.77 ? 8   DC  A "C2'" 1 
ATOM   157 C  "C1'" . DC  A 1 8 ? 10.036  3.927   9.083   1.00 24.99 ? 8   DC  A "C1'" 1 
ATOM   158 N  N1    . DC  A 1 8 ? 10.214  3.534   7.650   1.00 20.54 ? 8   DC  A N1    1 
ATOM   159 C  C2    . DC  A 1 8 ? 9.931   2.246   7.302   1.00 16.89 ? 8   DC  A C2    1 
ATOM   160 O  O2    . DC  A 1 8 ? 9.746   1.388   8.139   1.00 22.38 ? 8   DC  A O2    1 
ATOM   161 N  N3    . DC  A 1 8 ? 9.980   1.882   6.011   1.00 17.15 ? 8   DC  A N3    1 
ATOM   162 C  C4    . DC  A 1 8 ? 10.303  2.742   5.056   1.00 19.03 ? 8   DC  A C4    1 
ATOM   163 N  N4    . DC  A 1 8 ? 10.325  2.319   3.782   1.00 22.46 ? 8   DC  A N4    1 
ATOM   164 C  C5    . DC  A 1 8 ? 10.630  4.092   5.383   1.00 24.55 ? 8   DC  A C5    1 
ATOM   165 C  C6    . DC  A 1 8 ? 10.567  4.443   6.687   1.00 20.97 ? 8   DC  A C6    1 
ATOM   166 O  "O5'" . G   B 1 1 ? 7.754   -8.008  2.510   1.00 37.28 ? 9   G   B "O5'" 1 
ATOM   167 C  "C5'" . G   B 1 1 ? 7.992   -8.917  3.607   1.00 35.26 ? 9   G   B "C5'" 1 
ATOM   168 C  "C4'" . G   B 1 1 ? 8.413   -8.244  4.959   1.00 33.71 ? 9   G   B "C4'" 1 
ATOM   169 O  "O4'" . G   B 1 1 ? 9.521   -7.399  4.677   1.00 32.00 ? 9   G   B "O4'" 1 
ATOM   170 C  "C3'" . G   B 1 1 ? 7.467   -7.327  5.719   1.00 32.26 ? 9   G   B "C3'" 1 
ATOM   171 O  "O3'" . G   B 1 1 ? 6.592   -8.132  6.526   1.00 33.11 ? 9   G   B "O3'" 1 
ATOM   172 C  "C2'" . G   B 1 1 ? 8.488   -6.646  6.664   1.00 27.01 ? 9   G   B "C2'" 1 
ATOM   173 O  "O2'" . G   B 1 1 ? 9.150   -7.435  7.691   1.00 23.56 ? 9   G   B "O2'" 1 
ATOM   174 C  "C1'" . G   B 1 1 ? 9.548   -6.296  5.620   1.00 27.75 ? 9   G   B "C1'" 1 
ATOM   175 N  N9    . G   B 1 1 ? 9.351   -5.000  4.915   1.00 22.71 ? 9   G   B N9    1 
ATOM   176 C  C8    . G   B 1 1 ? 9.058   -4.810  3.585   1.00 22.34 ? 9   G   B C8    1 
ATOM   177 N  N7    . G   B 1 1 ? 9.047   -3.566  3.215   1.00 23.68 ? 9   G   B N7    1 
ATOM   178 C  C5    . G   B 1 1 ? 9.347   -2.872  4.400   1.00 24.34 ? 9   G   B C5    1 
ATOM   179 C  C6    . G   B 1 1 ? 9.424   -1.471  4.632   1.00 24.00 ? 9   G   B C6    1 
ATOM   180 O  O6    . G   B 1 1 ? 9.244   -0.560  3.825   1.00 24.15 ? 9   G   B O6    1 
ATOM   181 N  N1    . G   B 1 1 ? 9.681   -1.171  5.962   1.00 19.78 ? 9   G   B N1    1 
ATOM   182 C  C2    . G   B 1 1 ? 9.845   -2.085  6.953   1.00 15.73 ? 9   G   B C2    1 
ATOM   183 N  N2    . G   B 1 1 ? 10.016  -1.588  8.153   1.00 20.33 ? 9   G   B N2    1 
ATOM   184 N  N3    . G   B 1 1 ? 9.781   -3.406  6.760   1.00 22.24 ? 9   G   B N3    1 
ATOM   185 C  C4    . G   B 1 1 ? 9.526   -3.736  5.452   1.00 21.78 ? 9   G   B C4    1 
ATOM   186 P  P     . U   B 1 2 ? 5.000   -7.808  6.563   1.00 35.64 ? 10  U   B P     1 
ATOM   187 O  OP1   . U   B 1 2 ? 4.320   -8.950  7.198   1.00 37.88 ? 10  U   B OP1   1 
ATOM   188 O  OP2   . U   B 1 2 ? 4.568   -7.299  5.232   1.00 32.72 ? 10  U   B OP2   1 
ATOM   189 O  "O5'" . U   B 1 2 ? 4.890   -6.564  7.592   1.00 28.02 ? 10  U   B "O5'" 1 
ATOM   190 C  "C5'" . U   B 1 2 ? 5.084   -6.710  8.995   1.00 23.99 ? 10  U   B "C5'" 1 
ATOM   191 C  "C4'" . U   B 1 2 ? 5.061   -5.313  9.623   1.00 29.10 ? 10  U   B "C4'" 1 
ATOM   192 O  "O4'" . U   B 1 2 ? 6.178   -4.612  9.085   1.00 28.74 ? 10  U   B "O4'" 1 
ATOM   193 C  "C3'" . U   B 1 2 ? 3.903   -4.453  9.172   1.00 29.34 ? 10  U   B "C3'" 1 
ATOM   194 O  "O3'" . U   B 1 2 ? 2.764   -4.789  9.962   1.00 32.47 ? 10  U   B "O3'" 1 
ATOM   195 C  "C2'" . U   B 1 2 ? 4.433   -3.075  9.597   1.00 27.66 ? 10  U   B "C2'" 1 
ATOM   196 O  "O2'" . U   B 1 2 ? 4.403   -2.838  10.997  1.00 26.07 ? 10  U   B "O2'" 1 
ATOM   197 C  "C1'" . U   B 1 2 ? 5.881   -3.199  9.080   1.00 27.63 ? 10  U   B "C1'" 1 
ATOM   198 N  N1    . U   B 1 2 ? 5.978   -2.694  7.700   1.00 27.12 ? 10  U   B N1    1 
ATOM   199 C  C2    . U   B 1 2 ? 6.066   -1.314  7.502   1.00 23.36 ? 10  U   B C2    1 
ATOM   200 O  O2    . U   B 1 2 ? 6.056   -0.457  8.385   1.00 24.12 ? 10  U   B O2    1 
ATOM   201 N  N3    . U   B 1 2 ? 6.122   -0.906  6.196   1.00 16.28 ? 10  U   B N3    1 
ATOM   202 C  C4    . U   B 1 2 ? 6.092   -1.696  5.091   1.00 17.93 ? 10  U   B C4    1 
ATOM   203 O  O4    . U   B 1 2 ? 6.105   -1.190  3.971   1.00 24.46 ? 10  U   B O4    1 
ATOM   204 C  C5    . U   B 1 2 ? 6.007   -3.111  5.370   1.00 23.76 ? 10  U   B C5    1 
ATOM   205 C  C6    . U   B 1 2 ? 5.962   -3.558  6.641   1.00 24.35 ? 10  U   B C6    1 
ATOM   206 P  P     . A   B 1 3 ? 1.269   -4.629  9.319   1.00 35.73 ? 11  A   B P     1 
ATOM   207 O  OP1   . A   B 1 3 ? 0.288   -5.359  10.164  1.00 42.84 ? 11  A   B OP1   1 
ATOM   208 O  OP2   . A   B 1 3 ? 1.346   -4.863  7.855   1.00 36.19 ? 11  A   B OP2   1 
ATOM   209 O  "O5'" . A   B 1 3 ? 0.945   -3.066  9.497   1.00 31.36 ? 11  A   B "O5'" 1 
ATOM   210 C  "C5'" . A   B 1 3 ? 0.755   -2.350  10.716  1.00 23.73 ? 11  A   B "C5'" 1 
ATOM   211 C  "C4'" . A   B 1 3 ? 0.823   -0.889  10.407  1.00 21.41 ? 11  A   B "C4'" 1 
ATOM   212 O  "O4'" . A   B 1 3 ? 2.086   -0.632  9.803   1.00 22.23 ? 11  A   B "O4'" 1 
ATOM   213 C  "C3'" . A   B 1 3 ? -0.109  -0.420  9.353   1.00 19.64 ? 11  A   B "C3'" 1 
ATOM   214 O  "O3'" . A   B 1 3 ? -1.349  -0.177  9.950   1.00 25.37 ? 11  A   B "O3'" 1 
ATOM   215 C  "C2'" . A   B 1 3 ? 0.506   0.916   9.084   1.00 19.11 ? 11  A   B "C2'" 1 
ATOM   216 O  "O2'" . A   B 1 3 ? 0.321   1.777   10.247  1.00 26.74 ? 11  A   B "O2'" 1 
ATOM   217 C  "C1'" . A   B 1 3 ? 1.932   0.434   8.876   1.00 19.31 ? 11  A   B "C1'" 1 
ATOM   218 N  N9    . A   B 1 3 ? 2.256   0.037   7.456   1.00 1.00  ? 11  A   B N9    1 
ATOM   219 C  C8    . A   B 1 3 ? 2.264   -1.205  6.890   1.00 1.00  ? 11  A   B C8    1 
ATOM   220 N  N7    . A   B 1 3 ? 2.680   -1.214  5.660   1.00 1.00  ? 11  A   B N7    1 
ATOM   221 C  C5    . A   B 1 3 ? 2.961   0.114   5.389   1.00 1.00  ? 11  A   B C5    1 
ATOM   222 C  C6    . A   B 1 3 ? 3.442   0.779   4.247   1.00 1.00  ? 11  A   B C6    1 
ATOM   223 N  N6    . A   B 1 3 ? 3.730   0.144   3.097   1.00 1.00  ? 11  A   B N6    1 
ATOM   224 N  N1    . A   B 1 3 ? 3.614   2.107   4.326   1.00 1.00  ? 11  A   B N1    1 
ATOM   225 C  C2    . A   B 1 3 ? 3.314   2.733   5.468   1.00 1.00  ? 11  A   B C2    1 
ATOM   226 N  N3    . A   B 1 3 ? 2.863   2.224   6.603   1.00 1.00  ? 11  A   B N3    1 
ATOM   227 C  C4    . A   B 1 3 ? 2.713   0.895   6.484   1.00 1.00  ? 11  A   B C4    1 
ATOM   228 P  P     . U   B 1 4 ? -2.704  -0.310  9.068   1.00 23.59 ? 12  U   B P     1 
ATOM   229 O  OP1   . U   B 1 4 ? -3.845  -0.547  9.949   1.00 32.66 ? 12  U   B OP1   1 
ATOM   230 O  OP2   . U   B 1 4 ? -2.504  -1.302  8.012   1.00 31.93 ? 12  U   B OP2   1 
ATOM   231 O  "O5'" . U   B 1 4 ? -2.738  1.089   8.303   1.00 28.16 ? 12  U   B "O5'" 1 
ATOM   232 C  "C5'" . U   B 1 4 ? -3.205  2.338   8.843   1.00 22.72 ? 12  U   B "C5'" 1 
ATOM   233 C  "C4'" . U   B 1 4 ? -2.946  3.501   7.890   1.00 23.17 ? 12  U   B "C4'" 1 
ATOM   234 O  "O4'" . U   B 1 4 ? -1.552  3.435   7.581   1.00 25.55 ? 12  U   B "O4'" 1 
ATOM   235 C  "C3'" . U   B 1 4 ? -3.594  3.400   6.523   1.00 25.04 ? 12  U   B "C3'" 1 
ATOM   236 O  "O3'" . U   B 1 4 ? -4.887  3.962   6.611   1.00 27.80 ? 12  U   B "O3'" 1 
ATOM   237 C  "C2'" . U   B 1 4 ? -2.702  4.380   5.728   1.00 22.95 ? 12  U   B "C2'" 1 
ATOM   238 O  "O2'" . U   B 1 4 ? -2.845  5.769   6.051   1.00 27.94 ? 12  U   B "O2'" 1 
ATOM   239 C  "C1'" . U   B 1 4 ? -1.342  3.903   6.213   1.00 22.28 ? 12  U   B "C1'" 1 
ATOM   240 N  N1    . U   B 1 4 ? -0.858  2.807   5.352   1.00 22.01 ? 12  U   B N1    1 
ATOM   241 C  C2    . U   B 1 4 ? -0.261  3.113   4.151   1.00 23.82 ? 12  U   B C2    1 
ATOM   242 O  O2    . U   B 1 4 ? -0.145  4.251   3.726   1.00 29.46 ? 12  U   B O2    1 
ATOM   243 N  N3    . U   B 1 4 ? 0.187   2.058   3.397   1.00 18.53 ? 12  U   B N3    1 
ATOM   244 C  C4    . U   B 1 4 ? 0.072   0.738   3.734   1.00 17.82 ? 12  U   B C4    1 
ATOM   245 O  O4    . U   B 1 4 ? 0.427   -0.153  2.972   1.00 25.03 ? 12  U   B O4    1 
ATOM   246 C  C5    . U   B 1 4 ? -0.542  0.508   4.982   1.00 15.90 ? 12  U   B C5    1 
ATOM   247 C  C6    . U   B 1 4 ? -0.980  1.518   5.740   1.00 15.68 ? 12  U   B C6    1 
ATOM   248 P  P     . A   B 1 5 ? -6.089  3.316   5.791   1.00 26.31 ? 13  A   B P     1 
ATOM   249 O  OP1   . A   B 1 5 ? -7.320  3.852   6.391   1.00 26.02 ? 13  A   B OP1   1 
ATOM   250 O  OP2   . A   B 1 5 ? -5.869  1.869   5.614   1.00 28.12 ? 13  A   B OP2   1 
ATOM   251 O  "O5'" . A   B 1 5 ? -5.924  3.887   4.365   1.00 23.78 ? 13  A   B "O5'" 1 
ATOM   252 C  "C5'" . A   B 1 5 ? -6.212  5.256   4.174   1.00 28.51 ? 13  A   B "C5'" 1 
ATOM   253 C  "C4'" . A   B 1 5 ? -5.571  5.755   2.863   1.00 29.89 ? 13  A   B "C4'" 1 
ATOM   254 O  "O4'" . A   B 1 5 ? -4.175  5.478   2.858   1.00 27.56 ? 13  A   B "O4'" 1 
ATOM   255 C  "C3'" . A   B 1 5 ? -6.033  5.106   1.593   1.00 29.73 ? 13  A   B "C3'" 1 
ATOM   256 O  "O3'" . A   B 1 5 ? -7.272  5.718   1.230   1.00 35.53 ? 13  A   B "O3'" 1 
ATOM   257 C  "C2'" . A   B 1 5 ? -4.924  5.608   0.643   1.00 22.04 ? 13  A   B "C2'" 1 
ATOM   258 O  "O2'" . A   B 1 5 ? -4.932  7.024   0.450   1.00 19.11 ? 13  A   B "O2'" 1 
ATOM   259 C  "C1'" . A   B 1 5 ? -3.742  5.258   1.509   1.00 21.68 ? 13  A   B "C1'" 1 
ATOM   260 N  N9    . A   B 1 5 ? -3.354  3.866   1.368   1.00 16.29 ? 13  A   B N9    1 
ATOM   261 C  C8    . A   B 1 5 ? -3.553  2.814   2.218   1.00 11.21 ? 13  A   B C8    1 
ATOM   262 N  N7    . A   B 1 5 ? -2.991  1.709   1.820   1.00 8.67  ? 13  A   B N7    1 
ATOM   263 C  C5    . A   B 1 5 ? -2.374  2.074   0.626   1.00 13.50 ? 13  A   B C5    1 
ATOM   264 C  C6    . A   B 1 5 ? -1.611  1.353   -0.302  1.00 17.17 ? 13  A   B C6    1 
ATOM   265 N  N6    . A   B 1 5 ? -1.317  0.051   -0.181  1.00 19.71 ? 13  A   B N6    1 
ATOM   266 N  N1    . A   B 1 5 ? -1.199  2.037   -1.379  1.00 27.75 ? 13  A   B N1    1 
ATOM   267 C  C2    . A   B 1 5 ? -1.517  3.329   -1.550  1.00 25.48 ? 13  A   B C2    1 
ATOM   268 N  N3    . A   B 1 5 ? -2.214  4.097   -0.743  1.00 21.66 ? 13  A   B N3    1 
ATOM   269 C  C4    . A   B 1 5 ? -2.605  3.390   0.342   1.00 15.03 ? 13  A   B C4    1 
ATOM   270 P  P     . U   B 1 6 ? -8.444  4.837   0.516   1.00 33.41 ? 14  U   B P     1 
ATOM   271 O  OP1   . U   B 1 6 ? -9.651  5.658   0.692   1.00 39.75 ? 14  U   B OP1   1 
ATOM   272 O  OP2   . U   B 1 6 ? -8.436  3.443   1.001   1.00 35.49 ? 14  U   B OP2   1 
ATOM   273 O  "O5'" . U   B 1 6 ? -7.996  4.806   -1.018  1.00 32.73 ? 14  U   B "O5'" 1 
ATOM   274 C  "C5'" . U   B 1 6 ? -8.008  5.998   -1.819  1.00 33.82 ? 14  U   B "C5'" 1 
ATOM   275 C  "C4'" . U   B 1 6 ? -7.148  5.769   -3.043  1.00 31.29 ? 14  U   B "C4'" 1 
ATOM   276 O  "O4'" . U   B 1 6 ? -5.895  5.278   -2.570  1.00 30.33 ? 14  U   B "O4'" 1 
ATOM   277 C  "C3'" . U   B 1 6 ? -7.630  4.634   -3.895  1.00 32.96 ? 14  U   B "C3'" 1 
ATOM   278 O  "O3'" . U   B 1 6 ? -8.648  5.107   -4.803  1.00 40.41 ? 14  U   B "O3'" 1 
ATOM   279 C  "C2'" . U   B 1 6 ? -6.346  4.385   -4.666  1.00 28.54 ? 14  U   B "C2'" 1 
ATOM   280 O  "O2'" . U   B 1 6 ? -5.966  5.434   -5.535  1.00 31.60 ? 14  U   B "O2'" 1 
ATOM   281 C  "C1'" . U   B 1 6 ? -5.365  4.371   -3.537  1.00 24.99 ? 14  U   B "C1'" 1 
ATOM   282 N  N1    . U   B 1 6 ? -5.156  3.032   -2.980  1.00 23.17 ? 14  U   B N1    1 
ATOM   283 C  C2    . U   B 1 6 ? -4.198  2.209   -3.564  1.00 26.79 ? 14  U   B C2    1 
ATOM   284 O  O2    . U   B 1 6 ? -3.583  2.423   -4.616  1.00 26.57 ? 14  U   B O2    1 
ATOM   285 N  N3    . U   B 1 6 ? -3.946  1.049   -2.889  1.00 24.84 ? 14  U   B N3    1 
ATOM   286 C  C4    . U   B 1 6 ? -4.550  0.623   -1.726  1.00 24.62 ? 14  U   B C4    1 
ATOM   287 O  O4    . U   B 1 6 ? -4.185  -0.430  -1.208  1.00 32.95 ? 14  U   B O4    1 
ATOM   288 C  C5    . U   B 1 6 ? -5.530  1.506   -1.203  1.00 17.51 ? 14  U   B C5    1 
ATOM   289 C  C6    . U   B 1 6 ? -5.793  2.661   -1.839  1.00 22.74 ? 14  U   B C6    1 
ATOM   290 P  P     . A   B 1 7 ? -9.795  4.076   -5.342  1.00 41.35 ? 15  A   B P     1 
ATOM   291 O  OP1   . A   B 1 7 ? -10.697 4.780   -6.285  1.00 41.73 ? 15  A   B OP1   1 
ATOM   292 O  OP2   . A   B 1 7 ? -10.315 3.313   -4.172  1.00 40.76 ? 15  A   B OP2   1 
ATOM   293 O  "O5'" . A   B 1 7 ? -8.962  3.052   -6.234  1.00 40.14 ? 15  A   B "O5'" 1 
ATOM   294 C  "C5'" . A   B 1 7 ? -8.514  3.573   -7.503  1.00 40.60 ? 15  A   B "C5'" 1 
ATOM   295 C  "C4'" . A   B 1 7 ? -7.755  2.540   -8.332  1.00 40.51 ? 15  A   B "C4'" 1 
ATOM   296 O  "O4'" . A   B 1 7 ? -6.435  2.190   -7.885  1.00 40.24 ? 15  A   B "O4'" 1 
ATOM   297 C  "C3'" . A   B 1 7 ? -8.526  1.253   -8.343  1.00 35.05 ? 15  A   B "C3'" 1 
ATOM   298 O  "O3'" . A   B 1 7 ? -9.488  1.457   -9.327  1.00 41.49 ? 15  A   B "O3'" 1 
ATOM   299 C  "C2'" . A   B 1 7 ? -7.482  0.352   -8.870  1.00 33.90 ? 15  A   B "C2'" 1 
ATOM   300 O  "O2'" . A   B 1 7 ? -7.164  0.662   -10.228 1.00 29.97 ? 15  A   B "O2'" 1 
ATOM   301 C  "C1'" . A   B 1 7 ? -6.362  0.761   -7.918  1.00 35.71 ? 15  A   B "C1'" 1 
ATOM   302 N  N9    . A   B 1 7 ? -6.472  0.118   -6.557  1.00 29.24 ? 15  A   B N9    1 
ATOM   303 C  C8    . A   B 1 7 ? -7.193  0.439   -5.417  1.00 25.85 ? 15  A   B C8    1 
ATOM   304 N  N7    . A   B 1 7 ? -6.983  -0.356  -4.409  1.00 23.73 ? 15  A   B N7    1 
ATOM   305 C  C5    . A   B 1 7 ? -6.059  -1.261  -4.915  1.00 21.91 ? 15  A   B C5    1 
ATOM   306 C  C6    . A   B 1 7 ? -5.412  -2.358  -4.338  1.00 25.32 ? 15  A   B C6    1 
ATOM   307 N  N6    . A   B 1 7 ? -5.495  -2.660  -3.047  1.00 20.70 ? 15  A   B N6    1 
ATOM   308 N  N1    . A   B 1 7 ? -4.577  -3.057  -5.147  1.00 28.23 ? 15  A   B N1    1 
ATOM   309 C  C2    . A   B 1 7 ? -4.397  -2.669  -6.420  1.00 25.83 ? 15  A   B C2    1 
ATOM   310 N  N3    . A   B 1 7 ? -4.933  -1.643  -7.065  1.00 23.54 ? 15  A   B N3    1 
ATOM   311 C  C4    . A   B 1 7 ? -5.763  -0.980  -6.223  1.00 23.13 ? 15  A   B C4    1 
ATOM   312 P  P     . DC  B 1 8 ? -10.649 0.487   -9.724  1.00 43.02 ? 16  DC  B P     1 
ATOM   313 O  OP1   . DC  B 1 8 ? -11.653 1.307   -10.425 1.00 43.35 ? 16  DC  B OP1   1 
ATOM   314 O  OP2   . DC  B 1 8 ? -11.100 -0.313  -8.549  1.00 44.70 ? 16  DC  B OP2   1 
ATOM   315 O  "O5'" . DC  B 1 8 ? -9.832  -0.408  -10.809 1.00 41.46 ? 16  DC  B "O5'" 1 
ATOM   316 C  "C5'" . DC  B 1 8 ? -10.078 -1.775  -11.117 1.00 43.53 ? 16  DC  B "C5'" 1 
ATOM   317 C  "C4'" . DC  B 1 8 ? -8.784  -2.391  -11.610 1.00 48.66 ? 16  DC  B "C4'" 1 
ATOM   318 O  "O4'" . DC  B 1 8 ? -7.795  -2.379  -10.548 1.00 45.31 ? 16  DC  B "O4'" 1 
ATOM   319 C  "C3'" . DC  B 1 8 ? -8.930  -3.864  -11.985 1.00 54.28 ? 16  DC  B "C3'" 1 
ATOM   320 O  "O3'" . DC  B 1 8 ? -7.919  -4.337  -12.920 1.00 64.06 ? 16  DC  B "O3'" 1 
ATOM   321 C  "C2'" . DC  B 1 8 ? -8.804  -4.519  -10.610 1.00 47.44 ? 16  DC  B "C2'" 1 
ATOM   322 C  "C1'" . DC  B 1 8 ? -7.688  -3.700  -9.954  1.00 39.41 ? 16  DC  B "C1'" 1 
ATOM   323 N  N1    . DC  B 1 8 ? -7.933  -3.723  -8.477  1.00 32.14 ? 16  DC  B N1    1 
ATOM   324 C  C2    . DC  B 1 8 ? -7.270  -4.659  -7.705  1.00 31.17 ? 16  DC  B C2    1 
ATOM   325 O  O2    . DC  B 1 8 ? -6.484  -5.483  -8.171  1.00 41.46 ? 16  DC  B O2    1 
ATOM   326 N  N3    . DC  B 1 8 ? -7.521  -4.705  -6.388  1.00 23.91 ? 16  DC  B N3    1 
ATOM   327 C  C4    . DC  B 1 8 ? -8.381  -3.883  -5.841  1.00 22.80 ? 16  DC  B C4    1 
ATOM   328 N  N4    . DC  B 1 8 ? -8.577  -4.001  -4.550  1.00 26.44 ? 16  DC  B N4    1 
ATOM   329 C  C5    . DC  B 1 8 ? -9.082  -2.913  -6.595  1.00 26.06 ? 16  DC  B C5    1 
ATOM   330 C  C6    . DC  B 1 8 ? -8.820  -2.872  -7.911  1.00 26.43 ? 16  DC  B C6    1 
HETATM 331 NA NA    . NA  C 2 . ? -0.850  2.444   12.278  0.33 2.00  ? 17  NA  B NA    1 
HETATM 332 NA NA    . NA  D 2 . ? 3.942   3.085   12.468  0.33 3.76  ? 18  NA  B NA    1 
HETATM 333 O  O     . HOH E 3 . ? -11.095 -6.480  -0.377  1.00 38.40 ? 20  HOH A O     1 
HETATM 334 O  O     . HOH E 3 . ? 7.219   -14.171 -4.562  1.00 80.84 ? 21  HOH A O     1 
HETATM 335 O  O     . HOH E 3 . ? 6.868   4.081   10.325  1.00 75.38 ? 22  HOH A O     1 
HETATM 336 O  O     . HOH E 3 . ? 0.221   7.207   -8.920  1.00 51.95 ? 25  HOH A O     1 
HETATM 337 O  O     . HOH E 3 . ? -0.659  5.132   -7.249  1.00 42.10 ? 31  HOH A O     1 
HETATM 338 O  O     . HOH E 3 . ? -8.973  -5.061  -0.963  1.00 50.95 ? 32  HOH A O     1 
HETATM 339 O  O     . HOH E 3 . ? -0.784  7.409   0.157   1.00 45.33 ? 37  HOH A O     1 
HETATM 340 O  O     . HOH E 3 . ? 1.176   6.454   4.720   1.00 51.52 ? 46  HOH A O     1 
HETATM 341 O  O     . HOH E 3 . ? -5.470  -7.538  2.319   1.00 55.11 ? 50  HOH A O     1 
HETATM 342 O  O     . HOH E 3 . ? -3.309  -5.472  -0.106  1.00 44.11 ? 51  HOH A O     1 
HETATM 343 O  O     . HOH E 3 . ? 5.019   0.133   -3.029  1.00 34.53 ? 53  HOH A O     1 
HETATM 344 O  O     . HOH E 3 . ? 8.019   1.065   10.435  1.00 44.06 ? 60  HOH A O     1 
HETATM 345 O  O     . HOH E 3 . ? 8.913   -2.814  -7.232  1.00 82.28 ? 61  HOH A O     1 
HETATM 346 O  O     . HOH E 3 . ? -9.561  -8.800  3.688   1.00 37.38 ? 63  HOH A O     1 
HETATM 347 O  O     . HOH E 3 . ? 4.118   -8.255  -2.131  1.00 77.75 ? 66  HOH A O     1 
HETATM 348 O  O     . HOH E 3 . ? -8.659  -5.386  3.022   1.00 81.57 ? 68  HOH A O     1 
HETATM 349 O  O     . HOH E 3 . ? -4.816  -10.077 -8.086  1.00 46.81 ? 74  HOH A O     1 
HETATM 350 O  O     . HOH E 3 . ? -11.466 -6.507  2.337   1.00 94.90 ? 76  HOH A O     1 
HETATM 351 O  O     . HOH E 3 . ? -2.467  -8.618  2.460   1.00 69.24 ? 79  HOH A O     1 
HETATM 352 O  O     . HOH E 3 . ? 0.523   -5.842  -2.546  1.00 73.66 ? 81  HOH A O     1 
HETATM 353 O  O     . HOH E 3 . ? 2.492   -2.700  -0.659  1.00 93.40 ? 82  HOH A O     1 
HETATM 354 O  O     . HOH E 3 . ? 11.266  7.895   -3.211  1.00 86.21 ? 84  HOH A O     1 
HETATM 355 O  O     . HOH E 3 . ? 1.365   9.227   2.205   1.00 63.05 ? 86  HOH A O     1 
HETATM 356 O  O     . HOH E 3 . ? 3.882   -13.677 -3.207  1.00 95.89 ? 88  HOH A O     1 
HETATM 357 O  O     . HOH E 3 . ? 1.009   10.689  -3.561  1.00 89.31 ? 89  HOH A O     1 
HETATM 358 O  O     . HOH E 3 . ? 6.039   -4.136  -10.742 1.00 76.65 ? 90  HOH A O     1 
HETATM 359 O  O     . HOH E 3 . ? 14.578  9.424   6.461   1.00 81.12 ? 91  HOH A O     1 
HETATM 360 O  O     . HOH E 3 . ? 6.523   0.049   -11.555 1.00 61.32 ? 97  HOH A O     1 
HETATM 361 O  O     . HOH E 3 . ? 6.121   -10.719 -9.145  1.00 80.05 ? 98  HOH A O     1 
HETATM 362 O  O     . HOH E 3 . ? -3.419  -8.398  5.645   1.00 81.30 ? 99  HOH A O     1 
HETATM 363 O  O     . HOH E 3 . ? 3.248   -4.484  -4.475  1.00 74.65 ? 100 HOH A O     1 
HETATM 364 O  O     . HOH E 3 . ? 8.783   3.733   12.660  0.33 7.06  ? 103 HOH A O     1 
HETATM 365 O  O     . HOH F 3 . ? -7.022  -0.391  1.924   1.00 53.96 ? 19  HOH B O     1 
HETATM 366 O  O     . HOH F 3 . ? 5.302   1.681   11.047  1.00 46.31 ? 23  HOH B O     1 
HETATM 367 O  O     . HOH F 3 . ? -10.126 3.296   4.590   1.00 51.17 ? 24  HOH B O     1 
HETATM 368 O  O     . HOH F 3 . ? 5.036   -6.006  2.355   1.00 54.36 ? 26  HOH B O     1 
HETATM 369 O  O     . HOH F 3 . ? -10.820 -2.442  2.471   1.00 72.13 ? 27  HOH B O     1 
HETATM 370 O  O     . HOH F 3 . ? 2.465   -6.207  0.504   1.00 51.61 ? 28  HOH B O     1 
HETATM 371 O  O     . HOH F 3 . ? -4.591  3.877   -9.327  1.00 71.45 ? 29  HOH B O     1 
HETATM 372 O  O     . HOH F 3 . ? -8.169  -1.595  -0.770  1.00 51.96 ? 30  HOH B O     1 
HETATM 373 O  O     . HOH F 3 . ? -0.213  7.636   -5.270  1.00 63.64 ? 33  HOH B O     1 
HETATM 374 O  O     . HOH F 3 . ? -14.482 6.621   -0.797  1.00 67.84 ? 34  HOH B O     1 
HETATM 375 O  O     . HOH F 3 . ? 2.097   4.457   7.454   1.00 50.23 ? 35  HOH B O     1 
HETATM 376 O  O     . HOH F 3 . ? -4.117  -0.597  2.977   1.00 37.16 ? 36  HOH B O     1 
HETATM 377 O  O     . HOH F 3 . ? -0.713  2.963   -9.985  1.00 79.54 ? 38  HOH B O     1 
HETATM 378 O  O     . HOH F 3 . ? -14.804 -2.828  -1.149  1.00 55.15 ? 39  HOH B O     1 
HETATM 379 O  O     . HOH F 3 . ? 7.406   -3.513  0.884   1.00 50.55 ? 40  HOH B O     1 
HETATM 380 O  O     . HOH F 3 . ? 5.430   -1.061  0.553   1.00 62.38 ? 41  HOH B O     1 
HETATM 381 O  O     . HOH F 3 . ? -0.767  -3.957  -0.052  1.00 86.04 ? 42  HOH B O     1 
HETATM 382 O  O     . HOH F 3 . ? -9.760  -6.642  -13.640 1.00 62.67 ? 43  HOH B O     1 
HETATM 383 O  O     . HOH F 3 . ? -3.745  8.468   -5.289  1.00 93.73 ? 44  HOH B O     1 
HETATM 384 O  O     . HOH F 3 . ? 2.265   -10.203 9.636   1.00 44.75 ? 45  HOH B O     1 
HETATM 385 O  O     . HOH F 3 . ? -13.534 -3.063  -4.483  1.00 45.65 ? 47  HOH B O     1 
HETATM 386 O  O     . HOH F 3 . ? -1.634  11.942  -0.648  1.00 62.83 ? 48  HOH B O     1 
HETATM 387 O  O     . HOH F 3 . ? -8.962  1.097   -1.012  1.00 46.17 ? 49  HOH B O     1 
HETATM 388 O  O     . HOH F 3 . ? -12.455 3.737   -0.929  1.00 34.03 ? 52  HOH B O     1 
HETATM 389 O  O     . HOH F 3 . ? -13.709 1.619   -3.050  1.00 79.77 ? 54  HOH B O     1 
HETATM 390 O  O     . HOH F 3 . ? -6.301  10.635  -3.571  1.00 57.17 ? 55  HOH B O     1 
HETATM 391 O  O     . HOH F 3 . ? -1.374  -3.107  6.251   1.00 43.37 ? 56  HOH B O     1 
HETATM 392 O  O     . HOH F 3 . ? -0.551  -4.035  3.266   1.00 73.39 ? 57  HOH B O     1 
HETATM 393 O  O     . HOH F 3 . ? -14.265 1.057   -6.034  1.00 44.22 ? 58  HOH B O     1 
HETATM 394 O  O     . HOH F 3 . ? -8.214  -8.548  -12.469 1.00 46.84 ? 59  HOH B O     1 
HETATM 395 O  O     . HOH F 3 . ? 4.996   -0.654  12.536  1.00 43.65 ? 62  HOH B O     1 
HETATM 396 O  O     . HOH F 3 . ? -3.940  -0.637  -10.420 1.00 44.77 ? 64  HOH B O     1 
HETATM 397 O  O     . HOH F 3 . ? -2.658  5.633   -4.644  1.00 89.05 ? 65  HOH B O     1 
HETATM 398 O  O     . HOH F 3 . ? 1.879   -10.851 5.114   1.00 75.00 ? 67  HOH B O     1 
HETATM 399 O  O     . HOH F 3 . ? -12.055 7.536   0.374   1.00 40.95 ? 69  HOH B O     1 
HETATM 400 O  O     . HOH F 3 . ? -12.658 3.743   2.151   1.00 71.86 ? 70  HOH B O     1 
HETATM 401 O  O     . HOH F 3 . ? -11.816 -2.439  -0.694  1.00 70.64 ? 71  HOH B O     1 
HETATM 402 O  O     . HOH F 3 . ? -2.258  10.431  -3.176  1.00 62.02 ? 72  HOH B O     1 
HETATM 403 O  O     . HOH F 3 . ? -2.786  8.107   -1.771  1.00 69.61 ? 73  HOH B O     1 
HETATM 404 O  O     . HOH F 3 . ? -10.531 -2.303  -3.406  1.00 67.14 ? 75  HOH B O     1 
HETATM 405 O  O     . HOH F 3 . ? 2.705   3.364   10.528  1.00 80.86 ? 77  HOH B O     1 
HETATM 406 O  O     . HOH F 3 . ? -2.417  2.846   -7.308  1.00 53.77 ? 78  HOH B O     1 
HETATM 407 O  O     . HOH F 3 . ? 2.503   -4.595  4.931   1.00 51.92 ? 80  HOH B O     1 
HETATM 408 O  O     . HOH F 3 . ? -2.314  -2.239  1.436   1.00 66.25 ? 83  HOH B O     1 
HETATM 409 O  O     . HOH F 3 . ? -17.882 8.079   0.803   1.00 62.73 ? 85  HOH B O     1 
HETATM 410 O  O     . HOH F 3 . ? -15.514 9.032   -1.511  1.00 74.02 ? 87  HOH B O     1 
HETATM 411 O  O     . HOH F 3 . ? -4.541  7.732   7.295   1.00 73.80 ? 92  HOH B O     1 
HETATM 412 O  O     . HOH F 3 . ? -13.336 -1.371  1.622   1.00 92.18 ? 93  HOH B O     1 
HETATM 413 O  O     . HOH F 3 . ? -9.084  4.366   -11.088 1.00 60.06 ? 94  HOH B O     1 
HETATM 414 O  O     . HOH F 3 . ? -10.581 1.201   7.489   1.00 57.58 ? 95  HOH B O     1 
HETATM 415 O  O     . HOH F 3 . ? -13.227 3.872   -6.367  1.00 68.89 ? 96  HOH B O     1 
HETATM 416 O  O     . HOH F 3 . ? -0.402  -8.350  10.952  1.00 82.23 ? 101 HOH B O     1 
HETATM 417 O  O     . HOH F 3 . ? -3.296  2.071   12.201  0.33 7.46  ? 102 HOH B O     1 
# 
